data_7ZHI
#
_entry.id   7ZHI
#
_cell.length_a   86.714
_cell.length_b   103.822
_cell.length_c   87.067
_cell.angle_alpha   90.000
_cell.angle_beta   117.922
_cell.angle_gamma   90.000
#
_symmetry.space_group_name_H-M   'P 1 21 1'
#
loop_
_entity.id
_entity.type
_entity.pdbx_description
1 polymer 'Aspartate carbamoyltransferase'
2 non-polymer INDOLE
3 non-polymer 'SULFATE ION'
4 water water
#
_entity_poly.entity_id   1
_entity_poly.type   'polypeptide(L)'
_entity_poly.pdbx_seq_one_letter_code
;MFYINSKYKIDLDKIMTKMKNKSVINIDDVDDEELLAILYTSKQFEKILKNNEDSKYLENKVFCSVFLEPSTRTRCSFDA
AILKLGSKVLNITDMNSTSFYKGETVEDAFKILSTYVDGIIYRDPSKKNVDIAVSSSSKPIINAGNGTGEHPTQSLLDFY
TIHNYFPFILDRNINKKLNIAFVGDLKNGRTVHSLSKLLSRYNVSFNFVSCKSLNIPKDIVNTITYNLKKNNFYSDDSIK
YFDNLEEGLEDVHIIYMTRIQKERFTDVDEYNQYKNAFILSNKTLENTRDDTKILHPLPRVNEIKVEVDSNPKSVYFTQA
ENGLYVRMALLYLIFSSTSSAWSHPQFEK
;
_entity_poly.pdbx_strand_id   A,B,C
#
loop_
_chem_comp.id
_chem_comp.type
_chem_comp.name
_chem_comp.formula
IND non-polymer INDOLE 'C8 H7 N'
SO4 non-polymer 'SULFATE ION' 'O4 S -2'
#
# COMPACT_ATOMS: atom_id res chain seq x y z
N TYR A 3 -10.87 15.66 32.45
CA TYR A 3 -11.14 15.75 30.97
C TYR A 3 -12.37 16.60 30.66
N ILE A 4 -12.16 17.86 30.29
CA ILE A 4 -13.22 18.92 30.19
C ILE A 4 -13.08 19.51 28.76
N ASN A 5 -14.14 20.10 28.16
CA ASN A 5 -14.01 20.95 26.92
C ASN A 5 -14.52 22.37 27.23
N SER A 6 -14.09 22.88 28.40
CA SER A 6 -14.42 24.16 29.11
C SER A 6 -15.46 23.93 30.22
N LYS A 7 -16.67 23.43 29.87
CA LYS A 7 -17.88 23.28 30.75
C LYS A 7 -18.14 21.82 31.17
N TYR A 8 -18.03 20.86 30.24
CA TYR A 8 -18.50 19.44 30.36
C TYR A 8 -17.30 18.53 30.68
N LYS A 9 -17.37 17.85 31.83
CA LYS A 9 -16.47 16.72 32.20
C LYS A 9 -16.82 15.51 31.33
N ILE A 10 -15.86 14.64 31.05
CA ILE A 10 -15.99 13.49 30.11
C ILE A 10 -15.28 12.28 30.74
N ASP A 11 -16.04 11.29 31.23
CA ASP A 11 -15.49 10.00 31.72
C ASP A 11 -15.11 9.22 30.46
N LEU A 12 -13.99 9.63 29.86
CA LEU A 12 -13.41 9.12 28.58
C LEU A 12 -13.14 7.62 28.73
N ASP A 13 -12.80 7.18 29.95
CA ASP A 13 -12.72 5.74 30.35
C ASP A 13 -14.09 5.09 30.15
N LYS A 14 -15.13 5.58 30.84
CA LYS A 14 -16.50 5.03 30.75
C LYS A 14 -16.95 5.00 29.29
N ILE A 15 -16.86 6.13 28.59
CA ILE A 15 -17.39 6.30 27.20
C ILE A 15 -16.65 5.35 26.22
N MET A 16 -15.37 5.07 26.45
CA MET A 16 -14.60 4.15 25.60
C MET A 16 -15.10 2.72 25.84
N THR A 17 -15.24 2.27 27.09
CA THR A 17 -15.83 0.94 27.44
C THR A 17 -17.13 0.77 26.65
N LYS A 18 -17.89 1.85 26.45
CA LYS A 18 -19.17 1.82 25.70
C LYS A 18 -18.89 1.75 24.19
N MET A 19 -17.90 2.48 23.69
CA MET A 19 -17.60 2.53 22.23
C MET A 19 -16.73 1.36 21.77
N LYS A 20 -16.01 0.68 22.67
CA LYS A 20 -15.11 -0.44 22.31
C LYS A 20 -15.81 -1.36 21.30
N ASN A 21 -15.28 -1.44 20.09
CA ASN A 21 -15.65 -2.44 19.04
C ASN A 21 -17.04 -2.13 18.48
N LYS A 22 -17.50 -0.91 18.70
CA LYS A 22 -18.67 -0.28 18.05
C LYS A 22 -18.34 -0.15 16.57
N SER A 23 -19.27 -0.53 15.70
CA SER A 23 -19.28 -0.12 14.28
C SER A 23 -20.03 1.19 14.19
N VAL A 24 -19.59 2.03 13.27
CA VAL A 24 -20.22 3.35 13.02
C VAL A 24 -20.65 3.38 11.55
N ILE A 25 -21.94 3.21 11.30
CA ILE A 25 -22.51 3.14 9.92
C ILE A 25 -23.30 4.41 9.63
N ASN A 26 -24.20 4.80 10.54
CA ASN A 26 -25.01 6.05 10.45
C ASN A 26 -24.54 6.99 11.56
N ILE A 27 -24.59 8.30 11.36
CA ILE A 27 -24.35 9.30 12.44
C ILE A 27 -25.27 9.01 13.63
N ASP A 28 -26.41 8.37 13.39
CA ASP A 28 -27.40 8.03 14.42
C ASP A 28 -26.79 6.99 15.38
N ASP A 29 -25.68 6.35 15.01
CA ASP A 29 -25.01 5.35 15.88
C ASP A 29 -24.23 6.07 16.99
N VAL A 30 -24.00 7.37 16.86
CA VAL A 30 -23.25 8.20 17.85
C VAL A 30 -24.26 8.95 18.71
N ASP A 31 -24.20 8.78 20.01
CA ASP A 31 -25.10 9.45 20.97
C ASP A 31 -24.41 10.70 21.53
N ASP A 32 -24.99 11.29 22.58
CA ASP A 32 -24.54 12.57 23.16
C ASP A 32 -23.14 12.34 23.73
N GLU A 33 -22.97 11.46 24.73
CA GLU A 33 -21.67 11.20 25.41
C GLU A 33 -20.57 10.89 24.38
N GLU A 34 -20.89 10.06 23.37
CA GLU A 34 -19.97 9.60 22.30
C GLU A 34 -19.52 10.82 21.48
N LEU A 35 -20.44 11.75 21.18
CA LEU A 35 -20.11 12.95 20.37
C LEU A 35 -19.11 13.79 21.16
N LEU A 36 -19.37 14.01 22.45
CA LEU A 36 -18.47 14.78 23.34
C LEU A 36 -17.10 14.10 23.35
N ALA A 37 -17.06 12.77 23.46
CA ALA A 37 -15.78 12.03 23.50
C ALA A 37 -15.02 12.25 22.18
N ILE A 38 -15.71 12.19 21.02
CA ILE A 38 -15.10 12.36 19.67
C ILE A 38 -14.57 13.79 19.53
N LEU A 39 -15.32 14.78 20.03
CA LEU A 39 -14.98 16.21 19.89
C LEU A 39 -13.78 16.54 20.79
N TYR A 40 -13.79 16.00 22.02
CA TYR A 40 -12.67 16.17 22.99
C TYR A 40 -11.42 15.53 22.39
N THR A 41 -11.54 14.26 21.97
CA THR A 41 -10.38 13.46 21.52
C THR A 41 -9.84 14.07 20.22
N SER A 42 -10.69 14.50 19.29
CA SER A 42 -10.27 15.16 18.02
C SER A 42 -9.42 16.40 18.36
N LYS A 43 -9.84 17.26 19.31
CA LYS A 43 -9.09 18.47 19.71
C LYS A 43 -7.75 18.08 20.36
N GLN A 44 -7.67 16.95 21.04
CA GLN A 44 -6.35 16.52 21.56
C GLN A 44 -5.45 16.28 20.36
N PHE A 45 -5.89 15.44 19.42
CA PHE A 45 -5.13 15.05 18.22
C PHE A 45 -4.79 16.30 17.38
N GLU A 46 -5.73 17.23 17.21
CA GLU A 46 -5.44 18.50 16.51
C GLU A 46 -4.20 19.16 17.15
N LYS A 47 -4.18 19.34 18.49
CA LYS A 47 -3.13 20.11 19.22
C LYS A 47 -1.81 19.33 19.22
N ILE A 48 -1.88 18.01 19.38
CA ILE A 48 -0.69 17.12 19.36
C ILE A 48 0.00 17.24 18.00
N LEU A 49 -0.73 17.06 16.90
CA LEU A 49 -0.18 17.16 15.51
C LEU A 49 0.33 18.57 15.24
N LYS A 50 -0.46 19.60 15.52
CA LYS A 50 -0.04 21.00 15.25
C LYS A 50 1.27 21.30 16.00
N ASN A 51 1.48 20.74 17.20
CA ASN A 51 2.69 21.01 18.03
C ASN A 51 3.80 19.99 17.80
N ASN A 52 3.68 19.16 16.75
CA ASN A 52 4.71 18.19 16.31
C ASN A 52 5.04 17.20 17.44
N GLU A 53 4.08 16.85 18.29
CA GLU A 53 4.31 15.85 19.36
C GLU A 53 3.92 14.47 18.84
N ASP A 54 4.34 13.40 19.52
CA ASP A 54 4.05 11.99 19.16
C ASP A 54 2.55 11.77 19.06
N SER A 55 2.08 11.19 17.96
CA SER A 55 0.64 10.92 17.68
C SER A 55 0.34 9.43 17.77
N LYS A 56 1.32 8.58 18.05
CA LYS A 56 1.13 7.11 17.97
C LYS A 56 0.33 6.59 19.18
N TYR A 57 -0.97 6.88 19.27
CA TYR A 57 -1.83 6.47 20.41
C TYR A 57 -2.50 5.12 20.14
N LEU A 58 -2.26 4.51 18.98
CA LEU A 58 -2.88 3.22 18.62
C LEU A 58 -1.98 2.48 17.64
N GLU A 59 -0.90 1.88 18.14
CA GLU A 59 -0.03 0.92 17.43
C GLU A 59 -0.69 -0.43 17.70
N ASN A 60 -0.27 -1.51 17.03
CA ASN A 60 -0.69 -2.91 17.36
C ASN A 60 -1.94 -3.29 16.57
N LYS A 61 -2.54 -2.34 15.87
CA LYS A 61 -3.73 -2.65 15.04
C LYS A 61 -3.29 -2.78 13.58
N VAL A 62 -3.95 -3.68 12.87
CA VAL A 62 -3.93 -3.79 11.39
C VAL A 62 -5.37 -3.63 10.91
N PHE A 63 -5.61 -2.72 9.96
CA PHE A 63 -6.94 -2.46 9.35
C PHE A 63 -6.88 -2.92 7.90
N CYS A 64 -8.07 -3.06 7.31
CA CYS A 64 -8.35 -3.15 5.85
C CYS A 64 -9.17 -1.93 5.41
N SER A 65 -8.70 -1.20 4.41
CA SER A 65 -9.36 -0.03 3.78
C SER A 65 -9.95 -0.51 2.46
N VAL A 66 -11.20 -0.98 2.48
CA VAL A 66 -11.92 -1.50 1.29
C VAL A 66 -12.69 -0.33 0.67
N PHE A 67 -12.21 0.16 -0.46
CA PHE A 67 -12.79 1.29 -1.21
C PHE A 67 -13.18 0.78 -2.58
N LEU A 68 -14.47 0.52 -2.78
CA LEU A 68 -15.02 -0.08 -4.02
C LEU A 68 -15.58 0.99 -4.97
N GLU A 69 -15.29 2.27 -4.68
CA GLU A 69 -15.37 3.41 -5.63
C GLU A 69 -14.19 4.32 -5.33
N PRO A 70 -13.68 5.08 -6.31
CA PRO A 70 -12.57 5.97 -6.00
C PRO A 70 -13.12 7.17 -5.23
N SER A 71 -12.97 7.23 -3.89
CA SER A 71 -12.95 8.52 -3.16
C SER A 71 -11.58 8.65 -2.52
N THR A 72 -10.66 9.17 -3.33
CA THR A 72 -9.23 9.31 -3.00
C THR A 72 -9.12 10.26 -1.80
N ARG A 73 -9.84 11.40 -1.73
CA ARG A 73 -9.69 12.30 -0.55
C ARG A 73 -10.01 11.48 0.72
N THR A 74 -11.17 10.81 0.74
CA THR A 74 -11.71 10.15 1.97
C THR A 74 -10.79 9.00 2.34
N ARG A 75 -10.41 8.20 1.35
CA ARG A 75 -9.53 7.03 1.59
C ARG A 75 -8.27 7.52 2.28
N CYS A 76 -7.52 8.39 1.59
CA CYS A 76 -6.20 8.88 2.01
C CYS A 76 -6.28 9.47 3.43
N SER A 77 -7.42 10.08 3.78
CA SER A 77 -7.67 10.70 5.10
C SER A 77 -7.58 9.61 6.17
N PHE A 78 -8.37 8.56 5.99
CA PHE A 78 -8.36 7.37 6.87
C PHE A 78 -6.97 6.73 6.94
N ASP A 79 -6.32 6.55 5.79
CA ASP A 79 -4.99 5.89 5.74
C ASP A 79 -4.05 6.70 6.67
N ALA A 80 -4.09 8.02 6.53
CA ALA A 80 -3.28 8.98 7.28
C ALA A 80 -3.65 8.88 8.75
N ALA A 81 -4.93 8.86 9.02
CA ALA A 81 -5.43 8.70 10.39
C ALA A 81 -4.79 7.44 11.01
N ILE A 82 -4.93 6.29 10.33
CA ILE A 82 -4.41 4.99 10.82
C ILE A 82 -2.91 5.13 11.01
N LEU A 83 -2.23 5.69 10.04
CA LEU A 83 -0.75 5.60 10.02
C LEU A 83 -0.18 6.56 11.05
N LYS A 84 -0.83 7.71 11.25
CA LYS A 84 -0.39 8.74 12.22
C LYS A 84 -0.62 8.17 13.63
N LEU A 85 -1.67 7.38 13.83
CA LEU A 85 -1.89 6.69 15.11
C LEU A 85 -0.80 5.63 15.34
N GLY A 86 -0.04 5.24 14.31
CA GLY A 86 1.03 4.24 14.42
C GLY A 86 0.57 2.80 14.19
N SER A 87 -0.69 2.62 13.75
CA SER A 87 -1.27 1.32 13.29
C SER A 87 -0.90 1.06 11.83
N LYS A 88 -1.18 -0.14 11.31
CA LYS A 88 -0.88 -0.54 9.93
C LYS A 88 -2.17 -0.75 9.16
N VAL A 89 -2.14 -0.59 7.84
CA VAL A 89 -3.37 -0.78 7.02
C VAL A 89 -3.01 -1.48 5.74
N LEU A 90 -3.98 -2.25 5.29
CA LEU A 90 -3.96 -3.16 4.13
C LEU A 90 -5.07 -2.64 3.18
N ASN A 91 -4.76 -2.11 1.99
CA ASN A 91 -5.75 -1.42 1.12
C ASN A 91 -6.25 -2.34 0.02
N ILE A 92 -7.55 -2.29 -0.24
CA ILE A 92 -8.23 -2.78 -1.48
C ILE A 92 -8.82 -1.55 -2.18
N THR A 93 -8.48 -1.30 -3.44
CA THR A 93 -8.67 0.01 -4.11
C THR A 93 -8.64 -0.12 -5.63
N ASP A 94 -9.11 0.92 -6.32
CA ASP A 94 -9.23 0.97 -7.81
C ASP A 94 -10.18 -0.15 -8.26
N MET A 95 -10.77 -0.90 -7.30
CA MET A 95 -11.74 -2.00 -7.53
C MET A 95 -13.13 -1.38 -7.59
N ASN A 96 -14.11 -2.13 -8.10
CA ASN A 96 -15.57 -1.82 -8.00
C ASN A 96 -16.27 -3.02 -7.34
N SER A 97 -17.48 -2.81 -6.84
CA SER A 97 -18.40 -3.83 -6.26
C SER A 97 -18.13 -5.22 -6.87
N THR A 98 -18.21 -5.36 -8.19
CA THR A 98 -18.34 -6.66 -8.92
C THR A 98 -16.95 -7.36 -9.13
N SER A 99 -15.86 -6.62 -9.40
CA SER A 99 -14.48 -7.18 -9.63
C SER A 99 -13.77 -7.50 -8.29
N PHE A 100 -14.29 -6.97 -7.17
CA PHE A 100 -13.85 -7.30 -5.79
C PHE A 100 -14.54 -8.59 -5.34
N TYR A 101 -15.88 -8.60 -5.32
CA TYR A 101 -16.73 -9.79 -5.00
C TYR A 101 -16.91 -10.63 -6.27
N LYS A 102 -15.82 -11.14 -6.86
CA LYS A 102 -15.84 -11.82 -8.19
C LYS A 102 -16.87 -12.95 -8.14
N GLY A 103 -18.16 -12.59 -8.06
CA GLY A 103 -19.28 -13.51 -7.84
C GLY A 103 -19.15 -14.31 -6.54
N GLU A 104 -18.25 -13.94 -5.62
CA GLU A 104 -18.30 -14.41 -4.20
C GLU A 104 -19.40 -13.61 -3.48
N THR A 105 -20.10 -14.22 -2.54
CA THR A 105 -21.16 -13.54 -1.74
C THR A 105 -20.47 -12.45 -0.89
N VAL A 106 -21.15 -11.37 -0.57
CA VAL A 106 -20.54 -10.33 0.31
C VAL A 106 -20.31 -10.95 1.68
N GLU A 107 -21.33 -11.63 2.19
CA GLU A 107 -21.36 -12.26 3.54
C GLU A 107 -20.05 -13.04 3.77
N ASP A 108 -19.71 -13.92 2.80
CA ASP A 108 -18.54 -14.83 2.83
C ASP A 108 -17.26 -14.02 2.90
N ALA A 109 -17.20 -12.92 2.16
CA ALA A 109 -15.97 -12.12 1.98
C ALA A 109 -15.65 -11.38 3.28
N PHE A 110 -16.66 -10.83 3.94
CA PHE A 110 -16.46 -10.06 5.19
C PHE A 110 -16.32 -11.05 6.35
N LYS A 111 -16.90 -12.24 6.21
CA LYS A 111 -16.73 -13.32 7.22
C LYS A 111 -15.23 -13.64 7.30
N ILE A 112 -14.57 -13.74 6.16
CA ILE A 112 -13.16 -14.19 6.04
C ILE A 112 -12.22 -13.03 6.38
N LEU A 113 -12.42 -11.89 5.74
CA LEU A 113 -11.57 -10.68 5.84
C LEU A 113 -11.57 -10.19 7.30
N SER A 114 -12.68 -10.33 8.00
CA SER A 114 -12.75 -9.92 9.43
C SER A 114 -11.82 -10.79 10.29
N THR A 115 -11.42 -11.98 9.82
CA THR A 115 -10.55 -12.91 10.57
C THR A 115 -9.08 -12.51 10.41
N TYR A 116 -8.78 -11.60 9.48
CA TYR A 116 -7.42 -11.17 9.06
C TYR A 116 -6.99 -9.90 9.79
N VAL A 117 -7.92 -8.98 10.05
CA VAL A 117 -7.64 -7.58 10.49
C VAL A 117 -8.44 -7.28 11.75
N ASP A 118 -8.17 -6.13 12.39
CA ASP A 118 -8.73 -5.76 13.72
C ASP A 118 -10.00 -4.89 13.55
N GLY A 119 -10.10 -4.17 12.44
CA GLY A 119 -11.33 -3.51 11.98
C GLY A 119 -11.26 -3.24 10.48
N ILE A 120 -12.39 -2.85 9.90
CA ILE A 120 -12.47 -2.52 8.45
C ILE A 120 -13.12 -1.15 8.26
N ILE A 121 -12.46 -0.28 7.50
CA ILE A 121 -12.99 0.94 6.87
C ILE A 121 -13.56 0.52 5.52
N TYR A 122 -14.80 0.88 5.20
CA TYR A 122 -15.51 0.33 4.02
C TYR A 122 -16.26 1.44 3.29
N ARG A 123 -15.90 1.71 2.02
CA ARG A 123 -16.72 2.58 1.13
C ARG A 123 -17.21 1.76 -0.05
N ASP A 124 -18.53 1.79 -0.27
CA ASP A 124 -19.23 1.05 -1.34
C ASP A 124 -20.42 1.91 -1.74
N PRO A 125 -20.67 2.19 -3.03
CA PRO A 125 -21.93 2.79 -3.45
C PRO A 125 -23.14 1.97 -3.03
N SER A 126 -23.11 0.63 -3.13
CA SER A 126 -24.23 -0.25 -2.71
C SER A 126 -24.71 0.15 -1.31
N LYS A 127 -25.99 0.50 -1.24
CA LYS A 127 -26.84 0.56 -0.02
C LYS A 127 -26.62 -0.75 0.78
N LYS A 128 -27.20 -1.81 0.25
CA LYS A 128 -27.38 -3.11 0.91
C LYS A 128 -26.04 -3.59 1.44
N ASN A 129 -24.93 -3.47 0.72
CA ASN A 129 -23.63 -4.15 1.01
C ASN A 129 -23.03 -3.77 2.37
N VAL A 130 -22.96 -2.50 2.71
CA VAL A 130 -22.31 -2.13 4.00
C VAL A 130 -23.04 -2.83 5.14
N ASP A 131 -24.36 -2.88 5.05
CA ASP A 131 -25.22 -3.52 6.07
C ASP A 131 -24.88 -5.01 6.11
N ILE A 132 -24.65 -5.64 4.95
CA ILE A 132 -24.41 -7.11 4.87
C ILE A 132 -23.05 -7.40 5.52
N ALA A 133 -22.08 -6.52 5.29
CA ALA A 133 -20.73 -6.63 5.87
C ALA A 133 -20.87 -6.55 7.39
N VAL A 134 -21.65 -5.60 7.87
CA VAL A 134 -21.80 -5.34 9.33
C VAL A 134 -22.38 -6.60 9.98
N SER A 135 -23.23 -7.33 9.26
CA SER A 135 -23.85 -8.60 9.74
C SER A 135 -22.82 -9.71 9.77
N SER A 136 -21.92 -9.74 8.81
CA SER A 136 -21.01 -10.90 8.57
C SER A 136 -19.67 -10.68 9.27
N SER A 137 -19.27 -9.43 9.52
CA SER A 137 -17.92 -9.10 10.03
C SER A 137 -17.87 -9.43 11.52
N SER A 138 -16.81 -10.11 11.94
CA SER A 138 -16.46 -10.39 13.37
C SER A 138 -15.67 -9.20 13.91
N LYS A 139 -15.68 -8.08 13.20
CA LYS A 139 -14.82 -6.91 13.52
C LYS A 139 -15.57 -5.62 13.21
N PRO A 140 -15.33 -4.57 14.02
CA PRO A 140 -15.97 -3.28 13.81
C PRO A 140 -15.85 -2.83 12.35
N ILE A 141 -16.88 -2.22 11.81
CA ILE A 141 -16.83 -1.55 10.47
C ILE A 141 -17.09 -0.05 10.66
N ILE A 142 -16.33 0.76 9.96
CA ILE A 142 -16.51 2.23 9.92
C ILE A 142 -16.83 2.61 8.48
N ASN A 143 -18.00 3.19 8.28
CA ASN A 143 -18.54 3.49 6.95
C ASN A 143 -17.83 4.75 6.48
N ALA A 144 -17.19 4.66 5.32
CA ALA A 144 -16.58 5.85 4.67
C ALA A 144 -17.50 6.36 3.57
N GLY A 145 -18.71 5.80 3.47
CA GLY A 145 -19.77 6.32 2.60
C GLY A 145 -20.42 5.22 1.80
N ASN A 146 -21.71 5.37 1.54
CA ASN A 146 -22.51 4.47 0.67
C ASN A 146 -23.62 5.29 -0.02
N GLY A 147 -24.37 4.65 -0.91
CA GLY A 147 -25.40 5.26 -1.78
C GLY A 147 -26.61 5.71 -0.98
N THR A 148 -26.79 5.18 0.23
CA THR A 148 -27.75 5.65 1.27
C THR A 148 -27.32 7.04 1.81
N GLY A 149 -26.25 7.66 1.31
CA GLY A 149 -25.83 8.98 1.79
C GLY A 149 -25.47 8.99 3.27
N GLU A 150 -25.25 7.81 3.88
CA GLU A 150 -24.66 7.65 5.24
C GLU A 150 -23.16 7.94 5.15
N HIS A 151 -22.67 8.90 5.92
CA HIS A 151 -21.22 9.25 5.95
C HIS A 151 -20.89 9.89 7.30
N PRO A 152 -20.88 9.06 8.34
CA PRO A 152 -20.79 9.56 9.72
C PRO A 152 -19.54 10.42 9.98
N THR A 153 -18.40 10.02 9.44
CA THR A 153 -17.11 10.73 9.56
C THR A 153 -17.23 12.16 9.00
N GLN A 154 -17.94 12.34 7.88
CA GLN A 154 -18.14 13.66 7.24
C GLN A 154 -19.06 14.54 8.12
N SER A 155 -20.19 14.00 8.60
CA SER A 155 -21.02 14.64 9.65
C SER A 155 -20.13 15.02 10.82
N LEU A 156 -19.53 14.04 11.52
CA LEU A 156 -18.66 14.26 12.72
C LEU A 156 -17.66 15.39 12.44
N LEU A 157 -16.96 15.39 11.30
CA LEU A 157 -15.91 16.41 11.02
C LEU A 157 -16.58 17.74 10.66
N ASP A 158 -17.71 17.73 9.95
CA ASP A 158 -18.52 18.98 9.69
C ASP A 158 -18.87 19.61 11.05
N PHE A 159 -19.43 18.82 11.97
CA PHE A 159 -19.80 19.27 13.34
C PHE A 159 -18.57 19.78 14.09
N TYR A 160 -17.44 19.08 14.02
CA TYR A 160 -16.21 19.42 14.79
C TYR A 160 -15.77 20.81 14.36
N THR A 161 -15.82 21.06 13.05
CA THR A 161 -15.47 22.36 12.43
C THR A 161 -16.37 23.44 13.04
N ILE A 162 -17.69 23.25 12.97
CA ILE A 162 -18.75 24.18 13.46
C ILE A 162 -18.57 24.45 14.95
N HIS A 163 -18.37 23.40 15.75
CA HIS A 163 -18.24 23.50 17.22
C HIS A 163 -16.94 24.20 17.60
N ASN A 164 -15.96 24.29 16.69
CA ASN A 164 -14.67 24.96 17.00
C ASN A 164 -14.84 26.48 16.93
N TYR A 165 -15.81 26.98 16.17
CA TYR A 165 -16.04 28.44 16.02
C TYR A 165 -17.24 28.88 16.84
N PHE A 166 -18.14 27.95 17.20
CA PHE A 166 -19.42 28.22 17.89
C PHE A 166 -19.67 27.10 18.90
N PRO A 167 -18.84 26.99 19.95
CA PRO A 167 -18.90 25.87 20.89
C PRO A 167 -20.12 25.86 21.81
N PHE A 168 -20.99 26.87 21.72
CA PHE A 168 -22.29 26.97 22.44
C PHE A 168 -23.34 26.02 21.85
N ILE A 169 -23.03 25.40 20.70
CA ILE A 169 -23.92 24.41 20.04
C ILE A 169 -24.15 23.22 20.97
N LEU A 170 -23.17 22.87 21.81
CA LEU A 170 -23.24 21.71 22.74
C LEU A 170 -24.13 22.03 23.94
N ASP A 171 -24.26 23.31 24.25
CA ASP A 171 -24.84 23.79 25.54
C ASP A 171 -26.36 23.51 25.54
N ARG A 172 -26.99 23.40 24.36
CA ARG A 172 -28.47 23.30 24.25
C ARG A 172 -29.10 24.32 25.19
N ASN A 173 -28.70 25.58 25.08
CA ASN A 173 -29.26 26.69 25.88
C ASN A 173 -30.20 27.50 24.96
N ILE A 174 -31.43 27.75 25.42
CA ILE A 174 -32.57 28.26 24.59
C ILE A 174 -32.24 29.66 24.08
N ASN A 175 -31.30 30.36 24.72
CA ASN A 175 -30.87 31.73 24.34
C ASN A 175 -29.61 31.74 23.45
N LYS A 176 -28.84 30.65 23.45
CA LYS A 176 -27.63 30.49 22.59
C LYS A 176 -27.96 29.52 21.44
N LYS A 177 -28.54 30.06 20.36
CA LYS A 177 -29.02 29.34 19.15
C LYS A 177 -28.09 29.64 17.95
N LEU A 178 -27.77 28.62 17.16
CA LEU A 178 -26.90 28.74 15.97
C LEU A 178 -27.76 28.60 14.72
N ASN A 179 -27.65 29.54 13.78
CA ASN A 179 -28.36 29.47 12.48
C ASN A 179 -27.34 29.09 11.41
N ILE A 180 -27.73 28.15 10.55
CA ILE A 180 -26.93 27.62 9.42
C ILE A 180 -27.74 27.75 8.12
N ALA A 181 -27.04 28.08 7.04
CA ALA A 181 -27.62 28.11 5.68
C ALA A 181 -26.99 26.98 4.89
N PHE A 182 -27.82 26.03 4.44
CA PHE A 182 -27.46 25.00 3.45
C PHE A 182 -27.79 25.55 2.06
N VAL A 183 -26.80 25.51 1.16
CA VAL A 183 -26.83 26.22 -0.15
C VAL A 183 -26.48 25.24 -1.26
N GLY A 184 -27.39 25.12 -2.24
CA GLY A 184 -27.15 24.42 -3.51
C GLY A 184 -28.13 23.28 -3.72
N ASP A 185 -27.61 22.09 -4.01
CA ASP A 185 -28.40 20.86 -4.29
C ASP A 185 -28.58 20.10 -2.97
N LEU A 186 -29.68 20.42 -2.28
CA LEU A 186 -30.03 19.90 -0.95
C LEU A 186 -30.81 18.60 -1.11
N LYS A 187 -31.40 18.36 -2.28
CA LYS A 187 -32.07 17.10 -2.67
C LYS A 187 -31.03 15.97 -2.68
N ASN A 188 -29.88 16.23 -3.31
CA ASN A 188 -28.88 15.19 -3.65
C ASN A 188 -27.61 15.37 -2.81
N GLY A 189 -27.37 16.54 -2.23
CA GLY A 189 -26.21 16.74 -1.33
C GLY A 189 -26.45 16.00 -0.02
N ARG A 190 -26.06 14.72 0.03
CA ARG A 190 -26.47 13.77 1.10
C ARG A 190 -25.69 14.10 2.39
N THR A 191 -24.64 14.89 2.20
CA THR A 191 -23.74 15.45 3.22
C THR A 191 -24.55 16.46 4.06
N VAL A 192 -25.58 17.04 3.45
CA VAL A 192 -26.52 18.00 4.11
C VAL A 192 -27.47 17.20 5.01
N HIS A 193 -28.04 16.13 4.47
CA HIS A 193 -29.10 15.37 5.18
C HIS A 193 -28.53 14.88 6.50
N SER A 194 -27.29 14.36 6.49
CA SER A 194 -26.64 13.75 7.65
C SER A 194 -26.29 14.80 8.70
N LEU A 195 -25.73 15.93 8.27
CA LEU A 195 -25.37 17.03 9.19
C LEU A 195 -26.64 17.55 9.87
N SER A 196 -27.68 17.82 9.07
CA SER A 196 -29.02 18.25 9.54
C SER A 196 -29.49 17.32 10.67
N LYS A 197 -29.45 16.01 10.43
CA LYS A 197 -29.93 15.00 11.40
C LYS A 197 -29.25 15.27 12.73
N LEU A 198 -27.95 15.55 12.69
CA LEU A 198 -27.08 15.71 13.88
C LEU A 198 -27.33 17.08 14.52
N LEU A 199 -27.30 18.17 13.75
CA LEU A 199 -27.43 19.56 14.23
C LEU A 199 -28.78 19.72 14.94
N SER A 200 -29.85 19.13 14.40
CA SER A 200 -31.21 19.26 14.96
C SER A 200 -31.25 18.69 16.40
N ARG A 201 -30.24 17.93 16.81
CA ARG A 201 -30.15 17.40 18.19
C ARG A 201 -29.83 18.53 19.17
N TYR A 202 -29.43 19.66 18.61
CA TYR A 202 -29.01 20.89 19.34
C TYR A 202 -29.93 22.06 18.95
N ASN A 203 -29.74 23.19 19.61
CA ASN A 203 -30.60 24.39 19.40
C ASN A 203 -30.14 25.08 18.11
N VAL A 204 -30.72 24.71 16.97
CA VAL A 204 -30.22 25.15 15.65
C VAL A 204 -31.40 25.59 14.78
N SER A 205 -31.14 26.54 13.91
CA SER A 205 -32.12 27.14 12.99
C SER A 205 -31.59 27.00 11.57
N PHE A 206 -32.33 26.33 10.69
CA PHE A 206 -31.88 25.98 9.32
C PHE A 206 -32.53 26.88 8.27
N ASN A 207 -31.72 27.25 7.29
CA ASN A 207 -32.09 28.04 6.09
C ASN A 207 -31.66 27.21 4.88
N PHE A 208 -32.61 26.57 4.24
CA PHE A 208 -32.40 25.76 3.03
C PHE A 208 -32.54 26.67 1.82
N VAL A 209 -31.44 26.86 1.12
CA VAL A 209 -31.29 27.85 0.03
C VAL A 209 -31.07 27.08 -1.28
N SER A 210 -32.10 26.97 -2.11
CA SER A 210 -32.15 26.03 -3.26
C SER A 210 -33.16 26.56 -4.29
N CYS A 211 -33.00 26.20 -5.55
CA CYS A 211 -34.07 26.43 -6.55
C CYS A 211 -34.90 25.14 -6.51
N LYS A 212 -36.06 25.21 -5.82
CA LYS A 212 -37.25 24.30 -5.86
C LYS A 212 -36.84 22.90 -6.29
N SER A 213 -36.48 22.69 -7.55
CA SER A 213 -36.13 21.37 -8.17
C SER A 213 -35.15 20.56 -7.31
N LEU A 214 -34.22 21.23 -6.63
CA LEU A 214 -33.18 20.59 -5.77
C LEU A 214 -33.31 21.07 -4.31
N ASN A 215 -34.52 21.13 -3.76
CA ASN A 215 -34.73 21.59 -2.36
C ASN A 215 -34.60 20.37 -1.43
N ILE A 216 -34.32 20.62 -0.15
CA ILE A 216 -34.15 19.61 0.93
C ILE A 216 -35.35 18.67 0.94
N PRO A 217 -35.18 17.33 1.03
CA PRO A 217 -36.31 16.40 0.98
C PRO A 217 -37.24 16.46 2.21
N LYS A 218 -38.53 16.17 2.01
CA LYS A 218 -39.57 16.26 3.06
C LYS A 218 -39.13 15.49 4.31
N ASP A 219 -38.58 14.29 4.19
CA ASP A 219 -38.37 13.45 5.41
C ASP A 219 -37.15 13.95 6.20
N ILE A 220 -36.19 14.66 5.61
CA ILE A 220 -35.12 15.33 6.40
C ILE A 220 -35.78 16.39 7.30
N VAL A 221 -36.64 17.21 6.71
CA VAL A 221 -37.36 18.31 7.42
C VAL A 221 -38.18 17.71 8.57
N ASN A 222 -38.77 16.53 8.35
CA ASN A 222 -39.55 15.79 9.39
C ASN A 222 -38.62 15.33 10.50
N THR A 223 -37.42 14.85 10.14
CA THR A 223 -36.39 14.32 11.08
C THR A 223 -35.88 15.50 11.88
N ILE A 224 -35.61 16.61 11.22
CA ILE A 224 -35.12 17.86 11.89
C ILE A 224 -36.17 18.29 12.91
N THR A 225 -37.41 18.43 12.45
CA THR A 225 -38.56 18.89 13.26
C THR A 225 -38.74 17.98 14.47
N TYR A 226 -38.66 16.66 14.28
CA TYR A 226 -38.76 15.64 15.38
C TYR A 226 -37.74 16.03 16.47
N ASN A 227 -36.47 16.18 16.08
CA ASN A 227 -35.31 16.30 17.01
C ASN A 227 -35.28 17.67 17.66
N LEU A 228 -35.82 18.68 16.96
CA LEU A 228 -35.98 20.04 17.54
C LEU A 228 -37.09 19.94 18.58
N LYS A 229 -38.23 19.34 18.23
CA LYS A 229 -39.36 19.12 19.15
C LYS A 229 -38.85 18.33 20.38
N LYS A 230 -37.94 17.38 20.23
CA LYS A 230 -37.54 16.53 21.38
C LYS A 230 -36.80 17.36 22.43
N ASN A 231 -36.01 18.37 22.05
CA ASN A 231 -35.25 19.25 23.00
C ASN A 231 -35.94 20.63 23.17
N ASN A 232 -37.20 20.73 22.77
CA ASN A 232 -38.06 21.95 22.87
C ASN A 232 -37.32 23.13 22.27
N PHE A 233 -36.93 23.04 20.99
CA PHE A 233 -36.32 24.12 20.20
C PHE A 233 -36.98 24.27 18.82
N TYR A 234 -38.22 23.80 18.66
CA TYR A 234 -38.94 23.98 17.38
C TYR A 234 -39.79 25.24 17.44
N SER A 235 -39.73 26.10 16.41
CA SER A 235 -40.64 27.27 16.18
C SER A 235 -40.97 27.44 14.69
N ASP A 236 -41.81 28.41 14.39
CA ASP A 236 -42.17 28.88 13.03
C ASP A 236 -40.89 29.26 12.30
N ASP A 237 -39.87 29.70 13.06
CA ASP A 237 -38.58 30.24 12.58
C ASP A 237 -37.46 29.19 12.65
N SER A 238 -37.74 27.92 12.94
CA SER A 238 -36.71 26.84 12.99
C SER A 238 -36.19 26.58 11.59
N ILE A 239 -37.11 26.31 10.66
CA ILE A 239 -36.80 25.95 9.25
C ILE A 239 -37.38 27.00 8.32
N LYS A 240 -36.53 27.73 7.61
CA LYS A 240 -36.91 28.74 6.60
C LYS A 240 -36.36 28.29 5.24
N TYR A 241 -36.96 28.73 4.13
CA TYR A 241 -36.56 28.41 2.73
C TYR A 241 -36.33 29.70 1.94
N PHE A 242 -35.35 29.70 1.02
CA PHE A 242 -35.02 30.84 0.14
C PHE A 242 -34.66 30.31 -1.26
N ASP A 243 -34.83 31.14 -2.30
CA ASP A 243 -34.38 30.81 -3.68
C ASP A 243 -33.30 31.84 -4.11
N ASN A 244 -32.56 32.43 -3.16
CA ASN A 244 -31.44 33.36 -3.44
C ASN A 244 -30.63 33.67 -2.18
N LEU A 245 -29.37 34.11 -2.35
CA LEU A 245 -28.37 34.19 -1.26
C LEU A 245 -28.71 35.40 -0.39
N GLU A 246 -28.94 36.56 -1.00
CA GLU A 246 -29.08 37.86 -0.28
C GLU A 246 -30.02 37.68 0.91
N GLU A 247 -31.12 36.96 0.72
CA GLU A 247 -32.14 36.66 1.76
C GLU A 247 -31.60 35.55 2.68
N GLY A 248 -31.08 34.45 2.12
CA GLY A 248 -30.71 33.23 2.86
C GLY A 248 -29.47 33.38 3.75
N LEU A 249 -28.45 34.11 3.29
CA LEU A 249 -27.14 34.21 3.99
C LEU A 249 -27.21 35.27 5.11
N GLU A 250 -28.38 35.90 5.30
CA GLU A 250 -28.59 36.96 6.32
C GLU A 250 -28.64 36.32 7.72
N ASP A 251 -27.84 36.85 8.64
CA ASP A 251 -27.84 36.45 10.07
C ASP A 251 -27.67 34.94 10.19
N VAL A 252 -26.64 34.35 9.58
CA VAL A 252 -26.33 32.88 9.72
C VAL A 252 -24.87 32.72 10.17
N HIS A 253 -24.64 31.91 11.21
CA HIS A 253 -23.32 31.64 11.83
C HIS A 253 -22.46 30.79 10.88
N ILE A 254 -23.08 29.93 10.10
CA ILE A 254 -22.42 28.92 9.21
C ILE A 254 -23.11 28.96 7.85
N ILE A 255 -22.30 29.08 6.79
CA ILE A 255 -22.73 28.86 5.39
C ILE A 255 -22.08 27.56 4.89
N TYR A 256 -22.85 26.49 4.76
CA TYR A 256 -22.39 25.17 4.25
C TYR A 256 -22.81 25.07 2.78
N MET A 257 -21.85 25.29 1.88
CA MET A 257 -22.05 25.21 0.40
C MET A 257 -21.96 23.74 -0.03
N THR A 258 -22.82 23.29 -0.96
CA THR A 258 -22.77 21.93 -1.56
C THR A 258 -22.38 22.04 -3.04
N ARG A 259 -22.03 20.90 -3.64
CA ARG A 259 -21.85 20.73 -5.11
C ARG A 259 -23.20 20.90 -5.81
N ILE A 260 -23.24 21.56 -6.97
CA ILE A 260 -24.51 21.86 -7.70
C ILE A 260 -24.32 21.50 -9.18
N GLN A 261 -24.60 20.25 -9.59
CA GLN A 261 -24.44 19.77 -11.00
C GLN A 261 -25.66 20.09 -11.90
N LYS A 262 -25.46 20.11 -13.23
CA LYS A 262 -26.37 20.61 -14.32
C LYS A 262 -26.19 22.12 -14.41
N ASN A 276 -24.55 31.55 -11.93
CA ASN A 276 -25.74 31.03 -11.22
C ASN A 276 -25.96 31.82 -9.91
N ALA A 277 -27.13 31.64 -9.29
CA ALA A 277 -27.56 32.36 -8.07
C ALA A 277 -26.87 31.78 -6.83
N PHE A 278 -26.34 30.56 -6.90
CA PHE A 278 -25.68 29.89 -5.76
C PHE A 278 -24.17 29.77 -5.99
N ILE A 279 -23.56 30.75 -6.65
CA ILE A 279 -22.07 30.95 -6.61
C ILE A 279 -21.75 31.96 -5.51
N LEU A 280 -20.90 31.55 -4.56
CA LEU A 280 -20.43 32.37 -3.43
C LEU A 280 -19.22 33.22 -3.88
N SER A 281 -19.32 34.55 -3.76
CA SER A 281 -18.27 35.56 -4.07
C SER A 281 -18.02 36.45 -2.83
N ASN A 282 -16.99 37.30 -2.85
CA ASN A 282 -16.78 38.29 -1.77
C ASN A 282 -17.91 39.31 -1.81
N LYS A 283 -18.47 39.56 -3.00
CA LYS A 283 -19.72 40.35 -3.20
C LYS A 283 -20.80 39.75 -2.28
N THR A 284 -21.23 38.50 -2.52
CA THR A 284 -22.38 37.86 -1.84
C THR A 284 -22.10 37.67 -0.33
N LEU A 285 -20.88 37.94 0.15
CA LEU A 285 -20.49 37.69 1.56
C LEU A 285 -20.44 38.98 2.38
N GLU A 286 -20.68 40.15 1.76
CA GLU A 286 -20.61 41.50 2.41
C GLU A 286 -21.62 41.65 3.54
N ASN A 287 -22.80 41.02 3.39
CA ASN A 287 -23.96 41.19 4.30
C ASN A 287 -24.18 39.91 5.13
N THR A 288 -23.13 39.12 5.30
CA THR A 288 -23.10 38.01 6.28
C THR A 288 -22.64 38.57 7.62
N ARG A 289 -22.86 37.83 8.69
CA ARG A 289 -22.47 38.28 10.04
C ARG A 289 -20.96 38.44 10.04
N ASP A 290 -20.43 39.12 11.04
CA ASP A 290 -18.97 39.32 11.15
C ASP A 290 -18.32 37.99 11.50
N ASP A 291 -19.01 37.12 12.26
CA ASP A 291 -18.38 35.88 12.81
C ASP A 291 -18.55 34.67 11.89
N THR A 292 -19.42 34.77 10.87
CA THR A 292 -19.76 33.69 9.89
C THR A 292 -18.51 32.90 9.46
N LYS A 293 -18.63 31.58 9.38
CA LYS A 293 -17.64 30.65 8.78
C LYS A 293 -18.29 29.91 7.62
N ILE A 294 -17.58 29.76 6.49
CA ILE A 294 -18.01 29.05 5.25
C ILE A 294 -17.43 27.64 5.20
N LEU A 295 -18.30 26.63 5.12
CA LEU A 295 -17.91 25.19 5.01
C LEU A 295 -18.28 24.68 3.62
N HIS A 296 -17.64 23.58 3.20
CA HIS A 296 -17.88 22.82 1.93
C HIS A 296 -17.17 21.49 2.05
N PRO A 297 -17.84 20.35 1.79
CA PRO A 297 -17.20 19.03 1.90
C PRO A 297 -16.10 18.80 0.86
N LEU A 298 -16.20 19.51 -0.26
CA LEU A 298 -15.27 19.44 -1.43
C LEU A 298 -15.50 18.10 -2.14
N PRO A 299 -15.01 17.91 -3.39
CA PRO A 299 -14.32 18.94 -4.15
C PRO A 299 -15.33 20.05 -4.45
N ARG A 300 -14.88 21.29 -4.52
CA ARG A 300 -15.70 22.39 -5.10
C ARG A 300 -15.54 22.33 -6.63
N VAL A 301 -16.22 23.22 -7.36
CA VAL A 301 -16.01 23.43 -8.82
C VAL A 301 -16.22 24.93 -9.06
N ASN A 302 -17.44 25.41 -9.29
CA ASN A 302 -17.74 26.86 -9.41
C ASN A 302 -18.50 27.35 -8.17
N GLU A 303 -18.88 26.42 -7.27
CA GLU A 303 -19.73 26.70 -6.07
C GLU A 303 -19.16 27.86 -5.28
N ILE A 304 -17.84 27.86 -5.06
CA ILE A 304 -17.10 28.89 -4.29
C ILE A 304 -15.97 29.42 -5.15
N LYS A 305 -16.04 30.71 -5.50
CA LYS A 305 -15.04 31.44 -6.32
C LYS A 305 -13.73 31.51 -5.52
N VAL A 306 -12.60 31.38 -6.21
CA VAL A 306 -11.25 31.27 -5.58
C VAL A 306 -10.99 32.51 -4.70
N GLU A 307 -11.43 33.69 -5.13
CA GLU A 307 -11.22 34.97 -4.39
C GLU A 307 -11.59 34.77 -2.91
N VAL A 308 -12.54 33.87 -2.62
CA VAL A 308 -13.11 33.66 -1.25
C VAL A 308 -12.06 33.02 -0.33
N ASP A 309 -11.09 32.28 -0.87
CA ASP A 309 -10.08 31.56 -0.07
C ASP A 309 -9.31 32.58 0.79
N SER A 310 -9.08 33.80 0.29
CA SER A 310 -8.38 34.90 1.02
C SER A 310 -9.21 35.31 2.22
N ASN A 311 -10.53 35.11 2.15
CA ASN A 311 -11.51 35.66 3.12
C ASN A 311 -11.39 34.92 4.44
N PRO A 312 -11.09 35.60 5.57
CA PRO A 312 -10.97 34.91 6.86
C PRO A 312 -12.22 34.08 7.21
N LYS A 313 -13.36 34.41 6.59
CA LYS A 313 -14.64 33.68 6.72
C LYS A 313 -14.54 32.26 6.15
N SER A 314 -13.74 32.02 5.11
CA SER A 314 -13.58 30.67 4.49
C SER A 314 -12.79 29.76 5.44
N VAL A 315 -13.34 28.57 5.72
CA VAL A 315 -12.73 27.49 6.56
C VAL A 315 -12.80 26.11 5.86
N TYR A 316 -13.15 26.02 4.57
CA TYR A 316 -13.44 24.71 3.93
C TYR A 316 -12.18 23.82 3.96
N PHE A 317 -10.98 24.42 3.86
CA PHE A 317 -9.69 23.67 3.85
C PHE A 317 -9.32 23.22 5.27
N THR A 318 -9.68 24.00 6.30
CA THR A 318 -9.46 23.61 7.72
C THR A 318 -10.39 22.44 8.07
N GLN A 319 -11.63 22.52 7.58
CA GLN A 319 -12.66 21.44 7.62
C GLN A 319 -12.04 20.12 7.10
N ALA A 320 -11.55 20.10 5.85
CA ALA A 320 -10.89 18.93 5.24
C ALA A 320 -9.78 18.43 6.18
N GLU A 321 -8.95 19.35 6.69
CA GLU A 321 -7.83 19.05 7.63
C GLU A 321 -8.42 18.36 8.88
N ASN A 322 -9.52 18.85 9.44
CA ASN A 322 -10.06 18.30 10.71
C ASN A 322 -10.48 16.84 10.53
N GLY A 323 -10.81 16.45 9.30
CA GLY A 323 -11.11 15.06 8.93
C GLY A 323 -10.05 14.11 9.45
N LEU A 324 -8.78 14.52 9.44
CA LEU A 324 -7.65 13.69 9.89
C LEU A 324 -7.80 13.47 11.40
N TYR A 325 -8.03 14.56 12.14
CA TYR A 325 -8.08 14.57 13.62
C TYR A 325 -9.34 13.84 14.08
N VAL A 326 -10.43 13.93 13.33
CA VAL A 326 -11.71 13.32 13.76
C VAL A 326 -11.64 11.80 13.53
N ARG A 327 -11.04 11.36 12.42
CA ARG A 327 -10.95 9.91 12.10
C ARG A 327 -9.96 9.26 13.06
N MET A 328 -8.84 9.93 13.36
CA MET A 328 -7.89 9.51 14.45
C MET A 328 -8.67 9.33 15.78
N ALA A 329 -9.42 10.34 16.19
CA ALA A 329 -10.23 10.27 17.42
C ALA A 329 -11.05 8.99 17.41
N LEU A 330 -11.79 8.79 16.31
CA LEU A 330 -12.86 7.78 16.26
C LEU A 330 -12.19 6.41 16.31
N LEU A 331 -11.14 6.22 15.51
CA LEU A 331 -10.37 4.96 15.50
C LEU A 331 -9.83 4.71 16.91
N TYR A 332 -9.26 5.72 17.55
CA TYR A 332 -8.70 5.56 18.92
C TYR A 332 -9.81 5.10 19.86
N LEU A 333 -10.91 5.84 19.94
CA LEU A 333 -11.98 5.54 20.93
C LEU A 333 -12.54 4.12 20.73
N ILE A 334 -12.61 3.64 19.49
CA ILE A 334 -13.25 2.35 19.11
C ILE A 334 -12.28 1.17 19.29
N PHE A 335 -11.01 1.31 18.89
CA PHE A 335 -10.09 0.17 18.71
C PHE A 335 -9.08 0.04 19.86
N SER A 336 -8.87 1.09 20.66
CA SER A 336 -8.02 1.01 21.87
C SER A 336 -8.37 -0.24 22.66
N SER A 337 -7.38 -0.88 23.27
CA SER A 337 -7.57 -1.90 24.33
C SER A 337 -7.11 -1.34 25.69
N THR A 338 -7.00 0.00 25.82
CA THR A 338 -7.31 0.76 27.07
C THR A 338 -8.79 1.12 27.03
N SER A 343 -2.97 7.95 30.25
CA SER A 343 -2.79 7.03 29.10
C SER A 343 -3.50 7.54 27.83
N HIS A 344 -4.61 8.29 27.93
CA HIS A 344 -5.35 8.91 26.80
C HIS A 344 -4.53 10.07 26.25
N PRO A 345 -4.85 10.64 25.07
CA PRO A 345 -4.19 11.87 24.62
C PRO A 345 -4.64 13.12 25.40
N GLN A 346 -3.70 14.00 25.74
CA GLN A 346 -4.00 15.31 26.40
C GLN A 346 -2.91 16.36 26.12
N PHE A 347 -3.31 17.66 26.10
CA PHE A 347 -2.51 18.92 26.12
C PHE A 347 -1.61 19.05 24.87
N PHE B 2 32.34 14.74 10.45
CA PHE B 2 31.87 13.78 9.36
C PHE B 2 32.70 14.02 8.07
N TYR B 3 33.17 12.94 7.41
CA TYR B 3 34.18 12.98 6.33
C TYR B 3 33.80 12.17 5.08
N ILE B 4 33.83 12.80 3.90
CA ILE B 4 33.71 12.11 2.59
C ILE B 4 35.03 12.27 1.83
N ASN B 5 35.43 11.25 1.04
CA ASN B 5 36.73 11.15 0.32
C ASN B 5 37.90 11.11 1.35
N SER B 6 37.78 11.90 2.43
CA SER B 6 38.72 12.18 3.55
C SER B 6 39.23 13.61 3.37
N LYS B 7 39.10 14.14 2.16
CA LYS B 7 39.38 15.57 1.81
C LYS B 7 38.34 16.49 2.45
N TYR B 8 37.03 16.22 2.24
CA TYR B 8 35.89 17.17 2.47
C TYR B 8 35.20 16.84 3.81
N LYS B 9 35.26 17.77 4.77
CA LYS B 9 34.49 17.70 6.06
C LYS B 9 33.04 18.10 5.73
N ILE B 10 32.03 17.62 6.48
CA ILE B 10 30.59 17.85 6.19
C ILE B 10 29.86 18.14 7.51
N ASP B 11 29.51 19.40 7.80
CA ASP B 11 28.68 19.79 8.96
C ASP B 11 27.24 19.37 8.63
N LEU B 12 27.00 18.07 8.75
CA LEU B 12 25.72 17.35 8.46
C LEU B 12 24.57 17.96 9.28
N ASP B 13 24.88 18.45 10.48
CA ASP B 13 23.99 19.30 11.33
C ASP B 13 23.61 20.58 10.56
N LYS B 14 24.60 21.39 10.19
CA LYS B 14 24.40 22.69 9.48
C LYS B 14 23.59 22.41 8.22
N ILE B 15 24.05 21.46 7.39
CA ILE B 15 23.50 21.18 6.04
C ILE B 15 22.04 20.69 6.16
N MET B 16 21.70 19.99 7.23
CA MET B 16 20.31 19.51 7.45
C MET B 16 19.43 20.70 7.77
N THR B 17 19.81 21.55 8.72
CA THR B 17 19.06 22.79 9.06
C THR B 17 18.76 23.56 7.77
N LYS B 18 19.67 23.51 6.78
CA LYS B 18 19.50 24.19 5.46
C LYS B 18 18.52 23.40 4.59
N MET B 19 18.58 22.06 4.60
CA MET B 19 17.74 21.24 3.70
C MET B 19 16.35 20.96 4.32
N LYS B 20 16.19 21.09 5.64
CA LYS B 20 14.91 20.78 6.33
C LYS B 20 13.74 21.36 5.50
N ASN B 21 12.86 20.50 5.01
CA ASN B 21 11.54 20.87 4.42
C ASN B 21 11.73 21.54 3.05
N LYS B 22 12.91 21.34 2.48
CA LYS B 22 13.24 21.63 1.08
C LYS B 22 12.39 20.70 0.23
N SER B 23 11.77 21.21 -0.84
CA SER B 23 11.28 20.38 -1.96
C SER B 23 12.43 20.20 -2.94
N VAL B 24 12.49 19.05 -3.58
CA VAL B 24 13.50 18.78 -4.64
C VAL B 24 12.77 18.46 -5.95
N ILE B 25 12.75 19.41 -6.87
CA ILE B 25 11.97 19.29 -8.13
C ILE B 25 12.94 19.14 -9.30
N ASN B 26 13.93 20.02 -9.38
CA ASN B 26 14.99 20.05 -10.42
C ASN B 26 16.31 19.70 -9.72
N ILE B 27 17.23 19.03 -10.41
CA ILE B 27 18.59 18.77 -9.84
C ILE B 27 19.26 20.09 -9.49
N ASP B 28 18.83 21.18 -10.14
CA ASP B 28 19.37 22.54 -9.89
C ASP B 28 19.01 22.97 -8.47
N ASP B 29 18.06 22.31 -7.80
CA ASP B 29 17.67 22.66 -6.40
C ASP B 29 18.73 22.15 -5.40
N VAL B 30 19.63 21.25 -5.82
CA VAL B 30 20.73 20.69 -5.00
C VAL B 30 22.02 21.45 -5.31
N ASP B 31 22.64 22.06 -4.31
CA ASP B 31 23.91 22.82 -4.47
C ASP B 31 25.11 21.92 -4.08
N ASP B 32 26.29 22.51 -3.94
CA ASP B 32 27.55 21.77 -3.67
C ASP B 32 27.43 21.08 -2.31
N GLU B 33 27.28 21.83 -1.21
CA GLU B 33 27.17 21.27 0.18
C GLU B 33 26.09 20.18 0.24
N GLU B 34 24.94 20.39 -0.40
CA GLU B 34 23.77 19.47 -0.40
C GLU B 34 24.16 18.17 -1.11
N LEU B 35 24.92 18.27 -2.20
CA LEU B 35 25.35 17.07 -2.96
C LEU B 35 26.26 16.24 -2.06
N LEU B 36 27.24 16.88 -1.40
CA LEU B 36 28.17 16.21 -0.47
C LEU B 36 27.39 15.55 0.64
N ALA B 37 26.38 16.23 1.19
CA ALA B 37 25.55 15.66 2.27
C ALA B 37 24.83 14.39 1.77
N ILE B 38 24.25 14.43 0.57
CA ILE B 38 23.48 13.30 -0.04
C ILE B 38 24.43 12.13 -0.29
N LEU B 39 25.65 12.42 -0.77
CA LEU B 39 26.62 11.40 -1.20
C LEU B 39 27.20 10.73 0.04
N TYR B 40 27.48 11.52 1.07
CA TYR B 40 27.95 11.00 2.39
C TYR B 40 26.86 10.12 3.00
N THR B 41 25.65 10.65 3.09
CA THR B 41 24.53 9.98 3.80
C THR B 41 24.16 8.70 3.05
N SER B 42 24.12 8.73 1.72
CA SER B 42 23.84 7.54 0.88
C SER B 42 24.84 6.42 1.20
N LYS B 43 26.14 6.72 1.26
CA LYS B 43 27.20 5.73 1.57
C LYS B 43 27.03 5.21 3.00
N GLN B 44 26.52 6.01 3.93
CA GLN B 44 26.26 5.46 5.27
C GLN B 44 25.19 4.38 5.14
N PHE B 45 24.05 4.72 4.54
CA PHE B 45 22.90 3.82 4.36
C PHE B 45 23.31 2.58 3.54
N GLU B 46 24.12 2.74 2.50
CA GLU B 46 24.65 1.57 1.75
C GLU B 46 25.30 0.59 2.74
N LYS B 47 26.21 1.06 3.60
CA LYS B 47 27.05 0.20 4.49
C LYS B 47 26.20 -0.39 5.61
N ILE B 48 25.29 0.41 6.15
CA ILE B 48 24.33 -0.03 7.21
C ILE B 48 23.48 -1.18 6.69
N LEU B 49 22.82 -1.02 5.53
CA LEU B 49 21.96 -2.06 4.90
C LEU B 49 22.81 -3.29 4.51
N LYS B 50 23.93 -3.12 3.85
CA LYS B 50 24.79 -4.25 3.44
C LYS B 50 25.20 -5.06 4.67
N ASN B 51 25.43 -4.42 5.83
CA ASN B 51 25.89 -5.09 7.08
C ASN B 51 24.72 -5.52 7.97
N ASN B 52 23.49 -5.46 7.46
CA ASN B 52 22.25 -5.91 8.14
C ASN B 52 22.03 -5.16 9.44
N GLU B 53 22.44 -3.91 9.54
CA GLU B 53 22.28 -3.10 10.77
C GLU B 53 20.97 -2.33 10.65
N ASP B 54 20.49 -1.82 11.79
CA ASP B 54 19.28 -0.96 11.96
C ASP B 54 19.36 0.22 11.01
N SER B 55 18.33 0.40 10.17
CA SER B 55 18.24 1.46 9.15
C SER B 55 17.16 2.46 9.56
N LYS B 56 16.52 2.30 10.70
CA LYS B 56 15.34 3.16 11.03
C LYS B 56 15.81 4.55 11.49
N TYR B 57 16.30 5.39 10.58
CA TYR B 57 16.80 6.75 10.90
C TYR B 57 15.68 7.80 10.80
N LEU B 58 14.44 7.40 10.46
CA LEU B 58 13.31 8.35 10.30
C LEU B 58 11.99 7.61 10.49
N GLU B 59 11.54 7.45 11.73
CA GLU B 59 10.40 6.55 12.05
C GLU B 59 9.04 7.22 12.15
N ASN B 60 8.93 8.52 12.41
CA ASN B 60 7.62 9.02 12.87
C ASN B 60 6.91 9.77 11.75
N LYS B 61 7.24 9.49 10.51
CA LYS B 61 6.71 10.29 9.37
C LYS B 61 5.70 9.42 8.62
N VAL B 62 4.76 10.10 7.97
CA VAL B 62 3.79 9.48 7.03
C VAL B 62 3.90 10.27 5.73
N PHE B 63 4.09 9.56 4.62
CA PHE B 63 4.21 10.14 3.26
C PHE B 63 2.97 9.72 2.46
N CYS B 64 2.76 10.43 1.35
CA CYS B 64 1.92 10.04 0.18
C CYS B 64 2.80 9.85 -1.06
N SER B 65 2.72 8.69 -1.73
CA SER B 65 3.41 8.32 -3.01
C SER B 65 2.37 8.43 -4.12
N VAL B 66 2.19 9.63 -4.69
CA VAL B 66 1.26 9.93 -5.82
C VAL B 66 1.97 9.67 -7.15
N PHE B 67 1.63 8.57 -7.82
CA PHE B 67 2.23 8.13 -9.11
C PHE B 67 1.11 8.10 -10.13
N LEU B 68 1.03 9.11 -10.97
CA LEU B 68 -0.06 9.31 -11.95
C LEU B 68 0.35 8.79 -13.35
N GLU B 69 1.48 8.08 -13.41
CA GLU B 69 1.89 7.18 -14.52
C GLU B 69 2.57 5.98 -13.89
N PRO B 70 2.48 4.79 -14.48
CA PRO B 70 3.07 3.61 -13.84
C PRO B 70 4.61 3.67 -13.99
N SER B 71 5.36 3.99 -12.93
CA SER B 71 6.80 3.64 -12.89
C SER B 71 7.03 2.78 -11.66
N THR B 72 6.83 1.48 -11.83
CA THR B 72 6.96 0.48 -10.75
C THR B 72 8.41 0.47 -10.19
N ARG B 73 9.48 0.49 -10.98
CA ARG B 73 10.85 0.52 -10.38
C ARG B 73 10.99 1.73 -9.47
N THR B 74 10.64 2.94 -9.96
CA THR B 74 10.91 4.22 -9.25
C THR B 74 10.06 4.24 -7.98
N ARG B 75 8.77 3.91 -8.15
CA ARG B 75 7.81 3.93 -7.02
C ARG B 75 8.35 3.02 -5.91
N CYS B 76 8.54 1.74 -6.23
CA CYS B 76 8.95 0.68 -5.27
C CYS B 76 10.22 1.09 -4.53
N SER B 77 11.11 1.81 -5.20
CA SER B 77 12.39 2.29 -4.64
C SER B 77 12.07 3.23 -3.48
N PHE B 78 11.29 4.26 -3.73
CA PHE B 78 10.82 5.23 -2.71
C PHE B 78 10.07 4.50 -1.58
N ASP B 79 9.15 3.58 -1.89
CA ASP B 79 8.36 2.85 -0.86
C ASP B 79 9.34 2.20 0.11
N ALA B 80 10.34 1.52 -0.46
CA ALA B 80 11.40 0.79 0.26
C ALA B 80 12.21 1.80 1.05
N ALA B 81 12.58 2.89 0.43
CA ALA B 81 13.33 3.94 1.09
C ALA B 81 12.57 4.34 2.37
N ILE B 82 11.31 4.72 2.22
CA ILE B 82 10.46 5.19 3.36
C ILE B 82 10.40 4.07 4.40
N LEU B 83 10.15 2.86 3.96
CA LEU B 83 9.80 1.79 4.92
C LEU B 83 11.05 1.34 5.66
N LYS B 84 12.19 1.37 4.99
CA LYS B 84 13.49 0.93 5.58
C LYS B 84 13.90 1.98 6.60
N LEU B 85 13.58 3.24 6.34
CA LEU B 85 13.84 4.33 7.32
C LEU B 85 12.94 4.14 8.55
N GLY B 86 11.88 3.32 8.47
CA GLY B 86 10.93 3.08 9.57
C GLY B 86 9.75 4.05 9.60
N SER B 87 9.59 4.87 8.55
CA SER B 87 8.39 5.73 8.31
C SER B 87 7.27 4.94 7.61
N LYS B 88 6.09 5.50 7.43
CA LYS B 88 4.97 4.82 6.73
C LYS B 88 4.59 5.60 5.49
N VAL B 89 3.89 4.98 4.56
CA VAL B 89 3.47 5.66 3.31
C VAL B 89 2.08 5.21 2.92
N LEU B 90 1.31 6.12 2.34
CA LEU B 90 0.02 5.81 1.65
C LEU B 90 0.21 6.09 0.15
N ASN B 91 -0.09 5.10 -0.69
CA ASN B 91 0.15 5.16 -2.14
C ASN B 91 -1.14 5.52 -2.88
N ILE B 92 -1.03 6.38 -3.89
CA ILE B 92 -2.03 6.54 -4.99
C ILE B 92 -1.34 6.10 -6.29
N THR B 93 -1.91 5.18 -7.07
CA THR B 93 -1.20 4.47 -8.18
C THR B 93 -2.19 3.78 -9.12
N ASP B 94 -1.70 3.31 -10.28
CA ASP B 94 -2.52 2.77 -11.39
C ASP B 94 -3.46 3.89 -11.90
N MET B 95 -3.38 5.09 -11.30
CA MET B 95 -4.19 6.29 -11.63
C MET B 95 -3.49 7.05 -12.75
N ASN B 96 -4.22 7.94 -13.44
CA ASN B 96 -3.64 8.93 -14.40
C ASN B 96 -4.08 10.33 -13.95
N SER B 97 -3.38 11.36 -14.44
CA SER B 97 -3.69 12.80 -14.27
C SER B 97 -5.20 13.01 -14.01
N THR B 98 -6.07 12.57 -14.93
CA THR B 98 -7.50 13.00 -15.03
C THR B 98 -8.42 12.22 -14.07
N SER B 99 -8.20 10.91 -13.83
CA SER B 99 -9.03 10.06 -12.93
C SER B 99 -8.65 10.25 -11.45
N PHE B 100 -7.49 10.86 -11.18
CA PHE B 100 -7.02 11.27 -9.83
C PHE B 100 -7.63 12.62 -9.50
N TYR B 101 -7.38 13.66 -10.32
CA TYR B 101 -7.99 15.02 -10.20
C TYR B 101 -9.36 15.03 -10.88
N LYS B 102 -10.30 14.21 -10.39
CA LYS B 102 -11.64 13.98 -10.98
C LYS B 102 -12.32 15.35 -11.22
N GLY B 103 -11.76 16.15 -12.15
CA GLY B 103 -12.14 17.56 -12.39
C GLY B 103 -12.03 18.44 -11.16
N GLU B 104 -11.34 18.00 -10.10
CA GLU B 104 -10.87 18.87 -8.99
C GLU B 104 -9.65 19.61 -9.49
N THR B 105 -9.46 20.87 -9.07
CA THR B 105 -8.23 21.66 -9.40
C THR B 105 -7.05 20.95 -8.74
N VAL B 106 -5.85 21.04 -9.32
CA VAL B 106 -4.65 20.43 -8.70
C VAL B 106 -4.40 21.18 -7.38
N GLU B 107 -4.44 22.51 -7.44
CA GLU B 107 -4.16 23.43 -6.31
C GLU B 107 -4.90 22.94 -5.06
N ASP B 108 -6.23 22.73 -5.18
CA ASP B 108 -7.18 22.32 -4.12
C ASP B 108 -6.73 20.97 -3.55
N ALA B 109 -6.32 20.05 -4.41
CA ALA B 109 -6.05 18.64 -4.04
C ALA B 109 -4.76 18.57 -3.21
N PHE B 110 -3.73 19.32 -3.60
CA PHE B 110 -2.42 19.30 -2.89
C PHE B 110 -2.58 20.16 -1.64
N LYS B 111 -3.46 21.18 -1.67
CA LYS B 111 -3.74 22.02 -0.49
C LYS B 111 -4.25 21.11 0.62
N ILE B 112 -5.14 20.17 0.29
CA ILE B 112 -5.85 19.31 1.28
C ILE B 112 -4.93 18.18 1.70
N LEU B 113 -4.38 17.45 0.73
CA LEU B 113 -3.53 16.25 0.92
C LEU B 113 -2.29 16.63 1.73
N SER B 114 -1.76 17.84 1.56
CA SER B 114 -0.56 18.29 2.32
C SER B 114 -0.91 18.41 3.81
N THR B 115 -2.20 18.52 4.18
CA THR B 115 -2.64 18.66 5.60
C THR B 115 -2.69 17.29 6.27
N TYR B 116 -2.60 16.21 5.49
CA TYR B 116 -2.75 14.79 5.92
C TYR B 116 -1.41 14.14 6.21
N VAL B 117 -0.36 14.51 5.46
CA VAL B 117 0.96 13.80 5.41
C VAL B 117 2.09 14.79 5.70
N ASP B 118 3.32 14.29 5.88
CA ASP B 118 4.49 15.12 6.27
C ASP B 118 5.28 15.54 5.02
N GLY B 119 5.23 14.71 3.97
CA GLY B 119 5.77 15.05 2.64
C GLY B 119 5.07 14.25 1.56
N ILE B 120 5.23 14.69 0.31
CA ILE B 120 4.68 13.96 -0.86
C ILE B 120 5.79 13.66 -1.86
N ILE B 121 5.91 12.39 -2.25
CA ILE B 121 6.63 11.91 -3.47
C ILE B 121 5.60 11.94 -4.62
N TYR B 122 5.95 12.57 -5.75
CA TYR B 122 4.99 12.86 -6.84
C TYR B 122 5.61 12.54 -8.19
N ARG B 123 5.02 11.62 -8.94
CA ARG B 123 5.33 11.41 -10.39
C ARG B 123 4.10 11.74 -11.23
N ASP B 124 4.26 12.60 -12.21
CA ASP B 124 3.18 13.04 -13.15
C ASP B 124 3.82 13.35 -14.48
N PRO B 125 3.32 12.86 -15.63
CA PRO B 125 3.78 13.34 -16.93
C PRO B 125 3.65 14.86 -17.13
N SER B 126 2.55 15.45 -16.72
CA SER B 126 2.32 16.92 -16.83
C SER B 126 3.54 17.66 -16.27
N LYS B 127 4.15 18.58 -17.00
CA LYS B 127 5.14 19.43 -16.26
C LYS B 127 4.41 20.43 -15.39
N LYS B 128 3.46 21.16 -15.98
CA LYS B 128 2.57 22.16 -15.33
C LYS B 128 2.26 21.69 -13.89
N ASN B 129 1.79 20.46 -13.72
CA ASN B 129 1.18 19.97 -12.46
C ASN B 129 2.16 19.90 -11.28
N VAL B 130 3.33 19.33 -11.46
CA VAL B 130 4.27 19.16 -10.32
C VAL B 130 4.55 20.55 -9.75
N ASP B 131 4.71 21.54 -10.63
CA ASP B 131 4.98 22.94 -10.23
C ASP B 131 3.77 23.44 -9.43
N ILE B 132 2.56 23.12 -9.84
CA ILE B 132 1.30 23.61 -9.22
C ILE B 132 1.21 23.01 -7.82
N ALA B 133 1.57 21.74 -7.68
CA ALA B 133 1.55 21.02 -6.39
C ALA B 133 2.53 21.74 -5.46
N VAL B 134 3.71 22.04 -5.96
CA VAL B 134 4.80 22.63 -5.13
C VAL B 134 4.31 23.98 -4.60
N SER B 135 3.49 24.70 -5.37
CA SER B 135 2.93 26.02 -5.01
C SER B 135 1.86 25.86 -3.93
N SER B 136 1.06 24.79 -4.01
CA SER B 136 -0.16 24.64 -3.22
C SER B 136 0.12 23.85 -1.95
N SER B 137 1.14 22.98 -1.95
CA SER B 137 1.39 22.03 -0.84
C SER B 137 1.99 22.82 0.33
N SER B 138 1.51 22.54 1.54
CA SER B 138 2.07 23.06 2.80
C SER B 138 3.18 22.13 3.26
N LYS B 139 3.66 21.23 2.39
CA LYS B 139 4.65 20.20 2.76
C LYS B 139 5.62 19.97 1.60
N PRO B 140 6.89 19.65 1.93
CA PRO B 140 7.90 19.34 0.92
C PRO B 140 7.38 18.36 -0.12
N ILE B 141 7.77 18.57 -1.37
CA ILE B 141 7.49 17.62 -2.48
C ILE B 141 8.83 17.14 -3.06
N ILE B 142 8.88 15.85 -3.40
CA ILE B 142 10.03 15.23 -4.09
C ILE B 142 9.54 14.70 -5.43
N ASN B 143 10.10 15.22 -6.51
CA ASN B 143 9.69 14.87 -7.89
C ASN B 143 10.31 13.53 -8.19
N ALA B 144 9.49 12.54 -8.52
CA ALA B 144 9.96 11.21 -8.99
C ALA B 144 9.90 11.15 -10.52
N GLY B 145 9.61 12.28 -11.17
CA GLY B 145 9.71 12.41 -12.62
C GLY B 145 8.50 13.08 -13.24
N ASN B 146 8.74 13.86 -14.31
CA ASN B 146 7.68 14.52 -15.10
C ASN B 146 8.12 14.62 -16.56
N GLY B 147 7.25 15.15 -17.43
CA GLY B 147 7.41 15.31 -18.89
C GLY B 147 8.54 16.23 -19.29
N THR B 148 8.94 17.14 -18.40
CA THR B 148 10.15 17.99 -18.61
C THR B 148 11.42 17.19 -18.34
N GLY B 149 11.34 15.88 -18.16
CA GLY B 149 12.56 15.07 -17.96
C GLY B 149 13.35 15.47 -16.72
N GLU B 150 12.71 16.21 -15.79
CA GLU B 150 13.22 16.50 -14.43
C GLU B 150 13.10 15.23 -13.60
N HIS B 151 14.22 14.72 -13.06
CA HIS B 151 14.23 13.49 -12.24
C HIS B 151 15.44 13.53 -11.33
N PRO B 152 15.43 14.41 -10.32
CA PRO B 152 16.62 14.67 -9.50
C PRO B 152 17.18 13.43 -8.80
N THR B 153 16.32 12.56 -8.28
CA THR B 153 16.71 11.28 -7.65
C THR B 153 17.50 10.38 -8.63
N GLN B 154 17.13 10.35 -9.92
CA GLN B 154 17.85 9.57 -10.98
C GLN B 154 19.22 10.20 -11.27
N SER B 155 19.28 11.54 -11.46
CA SER B 155 20.54 12.33 -11.46
C SER B 155 21.36 11.95 -10.23
N LEU B 156 20.87 12.27 -9.01
CA LEU B 156 21.59 12.04 -7.73
C LEU B 156 22.13 10.60 -7.69
N LEU B 157 21.34 9.58 -8.04
CA LEU B 157 21.78 8.15 -7.92
C LEU B 157 22.78 7.86 -9.06
N ASP B 158 22.57 8.41 -10.27
CA ASP B 158 23.54 8.31 -11.40
C ASP B 158 24.88 8.85 -10.90
N PHE B 159 24.89 10.05 -10.34
CA PHE B 159 26.10 10.70 -9.80
C PHE B 159 26.74 9.84 -8.70
N TYR B 160 25.95 9.31 -7.79
CA TYR B 160 26.45 8.55 -6.62
C TYR B 160 27.21 7.35 -7.16
N THR B 161 26.65 6.69 -8.17
CA THR B 161 27.24 5.48 -8.81
C THR B 161 28.61 5.87 -9.39
N ILE B 162 28.66 6.95 -10.21
CA ILE B 162 29.87 7.50 -10.89
C ILE B 162 30.92 7.84 -9.85
N HIS B 163 30.54 8.55 -8.78
CA HIS B 163 31.48 9.01 -7.73
C HIS B 163 32.00 7.82 -6.91
N ASN B 164 31.34 6.67 -6.98
CA ASN B 164 31.79 5.48 -6.20
C ASN B 164 32.98 4.84 -6.92
N TYR B 165 33.11 5.00 -8.23
CA TYR B 165 34.19 4.39 -9.04
C TYR B 165 35.26 5.44 -9.37
N PHE B 166 34.93 6.72 -9.32
CA PHE B 166 35.77 7.86 -9.80
C PHE B 166 35.54 9.04 -8.87
N PRO B 167 35.91 8.90 -7.57
CA PRO B 167 35.58 9.91 -6.57
C PRO B 167 36.29 11.25 -6.71
N PHE B 168 37.22 11.37 -7.67
CA PHE B 168 37.99 12.60 -8.01
C PHE B 168 37.10 13.61 -8.75
N ILE B 169 35.88 13.20 -9.13
CA ILE B 169 34.88 14.08 -9.81
C ILE B 169 34.53 15.27 -8.89
N LEU B 170 34.56 15.08 -7.56
CA LEU B 170 34.20 16.12 -6.55
C LEU B 170 35.34 17.13 -6.43
N ASP B 171 36.55 16.71 -6.76
CA ASP B 171 37.80 17.47 -6.46
C ASP B 171 37.88 18.70 -7.37
N ARG B 172 37.18 18.72 -8.51
CA ARG B 172 37.31 19.84 -9.48
C ARG B 172 38.79 20.20 -9.63
N ASN B 173 39.63 19.20 -9.95
CA ASN B 173 41.09 19.43 -10.12
C ASN B 173 41.41 19.33 -11.61
N ILE B 174 42.10 20.31 -12.16
CA ILE B 174 42.25 20.52 -13.64
C ILE B 174 42.98 19.31 -14.25
N ASN B 175 43.72 18.54 -13.43
CA ASN B 175 44.50 17.36 -13.85
C ASN B 175 43.73 16.05 -13.66
N LYS B 176 42.70 16.04 -12.81
CA LYS B 176 41.87 14.84 -12.56
C LYS B 176 40.50 15.10 -13.22
N LYS B 177 40.41 14.82 -14.53
CA LYS B 177 39.22 15.04 -15.40
C LYS B 177 38.55 13.69 -15.72
N LEU B 178 37.22 13.64 -15.68
CA LEU B 178 36.47 12.40 -15.97
C LEU B 178 35.79 12.57 -17.34
N ASN B 179 35.99 11.60 -18.23
CA ASN B 179 35.33 11.59 -19.56
C ASN B 179 34.23 10.54 -19.52
N ILE B 180 33.08 10.92 -20.03
CA ILE B 180 31.85 10.08 -20.10
C ILE B 180 31.36 10.03 -21.56
N ALA B 181 30.85 8.88 -21.99
CA ALA B 181 30.15 8.70 -23.26
C ALA B 181 28.67 8.47 -22.98
N PHE B 182 27.82 9.36 -23.49
CA PHE B 182 26.35 9.19 -23.56
C PHE B 182 26.02 8.54 -24.90
N VAL B 183 25.27 7.44 -24.88
CA VAL B 183 25.07 6.53 -26.04
C VAL B 183 23.58 6.25 -26.23
N GLY B 184 23.08 6.55 -27.44
CA GLY B 184 21.79 6.08 -27.97
C GLY B 184 20.90 7.24 -28.37
N ASP B 185 19.69 7.31 -27.81
CA ASP B 185 18.71 8.40 -28.05
C ASP B 185 18.93 9.49 -26.98
N LEU B 186 19.77 10.46 -27.33
CA LEU B 186 20.19 11.58 -26.45
C LEU B 186 19.19 12.73 -26.55
N LYS B 187 18.42 12.77 -27.63
CA LYS B 187 17.29 13.73 -27.83
C LYS B 187 16.23 13.49 -26.76
N ASN B 188 15.87 12.22 -26.57
CA ASN B 188 14.71 11.80 -25.75
C ASN B 188 15.15 11.15 -24.44
N GLY B 189 16.41 10.70 -24.33
CA GLY B 189 16.94 10.18 -23.06
C GLY B 189 17.12 11.31 -22.05
N ARG B 190 16.07 11.67 -21.32
CA ARG B 190 16.06 12.95 -20.56
C ARG B 190 16.85 12.78 -19.28
N THR B 191 17.17 11.51 -19.00
CA THR B 191 18.03 11.03 -17.89
C THR B 191 19.47 11.49 -18.18
N VAL B 192 19.78 11.69 -19.46
CA VAL B 192 21.08 12.23 -19.95
C VAL B 192 21.12 13.75 -19.67
N HIS B 193 20.07 14.46 -20.03
CA HIS B 193 20.06 15.95 -19.96
C HIS B 193 20.32 16.35 -18.53
N SER B 194 19.68 15.71 -17.53
CA SER B 194 19.77 16.18 -16.12
C SER B 194 21.11 15.75 -15.52
N LEU B 195 21.62 14.57 -15.84
CA LEU B 195 22.97 14.16 -15.36
C LEU B 195 24.04 15.14 -15.91
N SER B 196 24.01 15.40 -17.22
CA SER B 196 24.90 16.38 -17.91
C SER B 196 24.88 17.70 -17.15
N LYS B 197 23.70 18.23 -16.82
CA LYS B 197 23.55 19.52 -16.14
C LYS B 197 24.43 19.48 -14.88
N LEU B 198 24.36 18.36 -14.16
CA LEU B 198 25.02 18.18 -12.85
C LEU B 198 26.53 17.94 -13.03
N LEU B 199 26.91 17.01 -13.91
CA LEU B 199 28.35 16.68 -14.20
C LEU B 199 29.13 17.93 -14.63
N SER B 200 28.55 18.78 -15.46
CA SER B 200 29.21 19.98 -16.01
C SER B 200 29.61 20.93 -14.86
N ARG B 201 29.07 20.72 -13.66
CA ARG B 201 29.46 21.53 -12.47
C ARG B 201 30.87 21.13 -12.00
N TYR B 202 31.37 20.03 -12.54
CA TYR B 202 32.69 19.43 -12.23
C TYR B 202 33.53 19.35 -13.51
N ASN B 203 34.78 18.90 -13.36
CA ASN B 203 35.74 18.84 -14.49
C ASN B 203 35.43 17.59 -15.32
N VAL B 204 34.57 17.72 -16.31
CA VAL B 204 34.04 16.55 -17.07
C VAL B 204 34.13 16.83 -18.56
N SER B 205 34.35 15.78 -19.32
CA SER B 205 34.50 15.79 -20.80
C SER B 205 33.47 14.83 -21.38
N PHE B 206 32.56 15.32 -22.21
CA PHE B 206 31.39 14.54 -22.73
C PHE B 206 31.61 14.12 -24.19
N ASN B 207 31.20 12.88 -24.46
CA ASN B 207 31.15 12.25 -25.79
C ASN B 207 29.72 11.82 -26.05
N PHE B 208 29.01 12.58 -26.89
CA PHE B 208 27.60 12.32 -27.27
C PHE B 208 27.62 11.45 -28.51
N VAL B 209 27.15 10.22 -28.34
CA VAL B 209 27.26 9.14 -29.36
C VAL B 209 25.84 8.78 -29.84
N SER B 210 25.47 9.22 -31.05
CA SER B 210 24.07 9.24 -31.54
C SER B 210 24.02 9.32 -33.06
N CYS B 211 22.88 9.02 -33.69
CA CYS B 211 22.66 9.17 -35.16
C CYS B 211 21.65 10.29 -35.46
N LYS B 212 22.12 11.29 -36.23
CA LYS B 212 21.51 12.60 -36.61
C LYS B 212 20.20 12.84 -35.87
N SER B 213 19.14 12.06 -36.19
CA SER B 213 17.75 12.35 -35.73
C SER B 213 17.69 12.47 -34.19
N LEU B 214 18.53 11.72 -33.45
CA LEU B 214 18.42 11.56 -31.97
C LEU B 214 19.70 12.02 -31.25
N ASN B 215 20.29 13.15 -31.66
CA ASN B 215 21.53 13.71 -31.05
C ASN B 215 21.13 14.58 -29.86
N ILE B 216 22.07 14.82 -28.93
CA ILE B 216 21.84 15.61 -27.68
C ILE B 216 21.29 16.99 -28.09
N PRO B 217 20.24 17.55 -27.43
CA PRO B 217 19.68 18.83 -27.87
C PRO B 217 20.59 20.02 -27.59
N LYS B 218 20.51 21.05 -28.43
CA LYS B 218 21.35 22.26 -28.31
C LYS B 218 21.34 22.79 -26.87
N ASP B 219 20.19 22.74 -26.17
CA ASP B 219 19.96 23.28 -24.79
C ASP B 219 21.03 22.83 -23.80
N ILE B 220 21.21 21.51 -23.83
CA ILE B 220 22.04 20.77 -22.85
C ILE B 220 23.47 21.24 -23.09
N VAL B 221 23.87 21.23 -24.36
CA VAL B 221 25.23 21.59 -24.82
C VAL B 221 25.56 23.00 -24.32
N ASN B 222 24.60 23.90 -24.41
CA ASN B 222 24.76 25.32 -23.99
C ASN B 222 24.93 25.38 -22.47
N THR B 223 24.14 24.58 -21.76
CA THR B 223 24.10 24.54 -20.28
C THR B 223 25.45 23.98 -19.85
N ILE B 224 25.88 22.89 -20.48
CA ILE B 224 27.16 22.21 -20.14
C ILE B 224 28.31 23.21 -20.33
N THR B 225 28.36 23.85 -21.50
CA THR B 225 29.38 24.84 -21.90
C THR B 225 29.44 25.95 -20.85
N TYR B 226 28.29 26.48 -20.45
CA TYR B 226 28.20 27.58 -19.45
C TYR B 226 28.91 27.14 -18.16
N ASN B 227 28.56 25.96 -17.66
CA ASN B 227 28.99 25.44 -16.34
C ASN B 227 30.46 25.02 -16.36
N LEU B 228 30.95 24.57 -17.51
CA LEU B 228 32.38 24.24 -17.68
C LEU B 228 33.14 25.58 -17.70
N LYS B 229 32.68 26.56 -18.46
CA LYS B 229 33.28 27.91 -18.49
C LYS B 229 33.28 28.52 -17.06
N LYS B 230 32.27 28.26 -16.24
CA LYS B 230 32.18 28.89 -14.90
C LYS B 230 33.33 28.39 -14.00
N ASN B 231 33.76 27.12 -14.12
CA ASN B 231 34.83 26.53 -13.25
C ASN B 231 36.12 26.36 -14.06
N ASN B 232 36.24 27.05 -15.20
CA ASN B 232 37.43 27.08 -16.08
C ASN B 232 37.85 25.64 -16.43
N PHE B 233 36.95 24.86 -17.01
CA PHE B 233 37.21 23.49 -17.51
C PHE B 233 36.69 23.27 -18.94
N TYR B 234 36.40 24.36 -19.66
CA TYR B 234 35.93 24.30 -21.06
C TYR B 234 37.13 24.38 -22.01
N SER B 235 37.19 23.46 -22.99
CA SER B 235 38.12 23.48 -24.16
C SER B 235 37.38 23.01 -25.42
N ASP B 236 38.06 23.06 -26.57
CA ASP B 236 37.46 22.56 -27.82
C ASP B 236 37.33 21.03 -27.71
N ASP B 237 37.97 20.39 -26.72
CA ASP B 237 37.87 18.93 -26.42
C ASP B 237 36.92 18.64 -25.22
N SER B 238 36.12 19.60 -24.76
CA SER B 238 35.13 19.38 -23.68
C SER B 238 34.00 18.47 -24.21
N ILE B 239 33.42 18.87 -25.33
CA ILE B 239 32.21 18.23 -25.93
C ILE B 239 32.57 17.72 -27.33
N LYS B 240 32.56 16.40 -27.50
CA LYS B 240 32.87 15.72 -28.78
C LYS B 240 31.64 14.93 -29.19
N TYR B 241 31.42 14.70 -30.49
CA TYR B 241 30.26 13.96 -31.05
C TYR B 241 30.75 12.80 -31.95
N PHE B 242 30.03 11.69 -31.93
CA PHE B 242 30.32 10.46 -32.71
C PHE B 242 29.02 9.84 -33.22
N ASP B 243 29.09 9.11 -34.33
CA ASP B 243 27.95 8.37 -34.92
C ASP B 243 28.26 6.86 -34.90
N ASN B 244 29.11 6.39 -33.97
CA ASN B 244 29.49 4.95 -33.80
C ASN B 244 30.33 4.77 -32.53
N LEU B 245 30.35 3.54 -32.00
CA LEU B 245 30.88 3.29 -30.65
C LEU B 245 32.41 3.31 -30.69
N GLU B 246 33.03 2.60 -31.63
CA GLU B 246 34.50 2.31 -31.55
C GLU B 246 35.26 3.64 -31.39
N GLU B 247 34.79 4.73 -32.01
CA GLU B 247 35.34 6.11 -31.86
C GLU B 247 34.92 6.68 -30.48
N GLY B 248 33.64 6.60 -30.14
CA GLY B 248 33.04 7.27 -28.96
C GLY B 248 33.41 6.65 -27.63
N LEU B 249 33.55 5.32 -27.55
CA LEU B 249 33.81 4.60 -26.28
C LEU B 249 35.30 4.64 -25.93
N GLU B 250 36.13 5.28 -26.75
CA GLU B 250 37.60 5.32 -26.56
C GLU B 250 37.95 6.28 -25.41
N ASP B 251 38.74 5.78 -24.46
CA ASP B 251 39.32 6.60 -23.36
C ASP B 251 38.20 7.33 -22.62
N VAL B 252 37.19 6.58 -22.15
CA VAL B 252 36.06 7.14 -21.33
C VAL B 252 35.94 6.35 -20.03
N HIS B 253 35.83 7.04 -18.89
CA HIS B 253 35.70 6.46 -17.52
C HIS B 253 34.31 5.85 -17.35
N ILE B 254 33.30 6.43 -17.99
CA ILE B 254 31.86 6.03 -17.84
C ILE B 254 31.23 5.91 -19.22
N ILE B 255 30.55 4.79 -19.47
CA ILE B 255 29.61 4.59 -20.60
C ILE B 255 28.19 4.55 -20.04
N TYR B 256 27.41 5.62 -20.24
CA TYR B 256 25.99 5.70 -19.83
C TYR B 256 25.14 5.42 -21.07
N MET B 257 24.62 4.19 -21.16
CA MET B 257 23.72 3.73 -22.23
C MET B 257 22.31 4.23 -21.93
N THR B 258 21.56 4.66 -22.96
CA THR B 258 20.14 5.07 -22.84
C THR B 258 19.25 3.97 -23.41
N ARG B 259 17.98 4.05 -23.06
CA ARG B 259 16.88 3.28 -23.67
C ARG B 259 16.71 3.75 -25.12
N ILE B 260 16.44 2.82 -26.02
CA ILE B 260 16.15 3.11 -27.44
C ILE B 260 14.82 2.42 -27.71
N GLN B 261 13.72 3.13 -27.44
CA GLN B 261 12.33 2.68 -27.67
C GLN B 261 11.96 2.80 -29.15
N LYS B 262 11.60 1.66 -29.76
CA LYS B 262 10.98 1.53 -31.12
C LYS B 262 9.98 2.68 -31.38
N GLU B 263 9.22 3.06 -30.34
CA GLU B 263 8.06 3.99 -30.38
C GLU B 263 8.49 5.41 -30.80
N ARG B 264 9.78 5.63 -31.12
CA ARG B 264 10.33 6.99 -31.38
C ARG B 264 10.93 7.12 -32.78
N PHE B 265 10.74 6.10 -33.65
CA PHE B 265 11.22 6.10 -35.06
C PHE B 265 10.03 6.45 -35.98
N THR B 266 10.15 6.29 -37.30
CA THR B 266 8.97 6.38 -38.20
C THR B 266 8.55 4.96 -38.57
N ASP B 267 9.47 3.97 -38.56
CA ASP B 267 9.11 2.52 -38.68
C ASP B 267 10.05 1.64 -37.84
N VAL B 268 10.03 0.33 -38.11
CA VAL B 268 10.80 -0.75 -37.42
C VAL B 268 11.95 -1.24 -38.34
N ASP B 269 12.00 -0.79 -39.61
CA ASP B 269 13.29 -0.68 -40.38
C ASP B 269 14.19 0.28 -39.58
N GLU B 270 13.90 1.58 -39.66
CA GLU B 270 14.68 2.71 -39.07
C GLU B 270 15.18 2.20 -37.71
N TYR B 271 14.32 1.49 -36.97
CA TYR B 271 14.50 1.07 -35.55
C TYR B 271 15.73 0.18 -35.39
N ASN B 272 15.71 -1.02 -35.97
CA ASN B 272 16.75 -2.07 -35.75
C ASN B 272 18.10 -1.59 -36.32
N GLN B 273 18.10 -0.62 -37.25
CA GLN B 273 19.33 0.03 -37.82
C GLN B 273 20.08 0.80 -36.73
N TYR B 274 19.33 1.46 -35.84
CA TYR B 274 19.80 2.27 -34.70
C TYR B 274 19.95 1.34 -33.47
N LYS B 275 18.92 0.57 -33.10
CA LYS B 275 19.02 -0.44 -32.01
C LYS B 275 20.34 -1.19 -32.16
N ASN B 276 20.58 -1.79 -33.33
CA ASN B 276 21.69 -2.76 -33.58
C ASN B 276 23.07 -2.09 -33.68
N ALA B 277 23.14 -0.83 -34.10
CA ALA B 277 24.42 -0.10 -34.33
C ALA B 277 24.99 0.40 -32.99
N PHE B 278 24.16 0.66 -31.98
CA PHE B 278 24.62 1.04 -30.63
C PHE B 278 24.34 -0.07 -29.61
N ILE B 279 24.22 -1.33 -30.03
CA ILE B 279 24.09 -2.46 -29.05
C ILE B 279 25.47 -2.76 -28.48
N LEU B 280 25.55 -2.74 -27.14
CA LEU B 280 26.79 -2.97 -26.36
C LEU B 280 27.05 -4.49 -26.20
N SER B 281 28.20 -4.98 -26.68
CA SER B 281 28.65 -6.39 -26.59
C SER B 281 30.02 -6.45 -25.90
N ASN B 282 30.51 -7.64 -25.58
CA ASN B 282 31.88 -7.80 -25.02
C ASN B 282 32.89 -7.43 -26.12
N LYS B 283 32.52 -7.66 -27.39
CA LYS B 283 33.27 -7.17 -28.59
C LYS B 283 33.50 -5.66 -28.43
N THR B 284 32.41 -4.86 -28.46
CA THR B 284 32.45 -3.37 -28.50
C THR B 284 33.12 -2.81 -27.24
N LEU B 285 33.38 -3.63 -26.20
CA LEU B 285 33.90 -3.15 -24.89
C LEU B 285 35.40 -3.43 -24.73
N GLU B 286 36.04 -4.10 -25.70
CA GLU B 286 37.48 -4.48 -25.66
C GLU B 286 38.38 -3.25 -25.94
N ASN B 287 37.83 -2.15 -26.45
CA ASN B 287 38.59 -0.91 -26.78
C ASN B 287 38.35 0.16 -25.72
N THR B 288 37.67 -0.19 -24.63
CA THR B 288 37.37 0.76 -23.52
C THR B 288 38.53 0.68 -22.53
N ARG B 289 38.63 1.68 -21.67
CA ARG B 289 39.69 1.72 -20.63
C ARG B 289 39.51 0.49 -19.76
N ASP B 290 40.55 0.16 -18.99
CA ASP B 290 40.49 -0.99 -18.08
C ASP B 290 39.56 -0.64 -16.93
N ASP B 291 39.44 0.64 -16.53
CA ASP B 291 38.66 1.02 -15.33
C ASP B 291 37.20 1.35 -15.65
N THR B 292 36.84 1.51 -16.92
CA THR B 292 35.49 1.92 -17.42
C THR B 292 34.38 1.18 -16.66
N LYS B 293 33.32 1.91 -16.29
CA LYS B 293 32.08 1.37 -15.69
C LYS B 293 30.92 1.75 -16.64
N ILE B 294 30.02 0.80 -16.87
CA ILE B 294 28.80 0.92 -17.73
C ILE B 294 27.57 1.18 -16.86
N LEU B 295 26.93 2.33 -17.11
CA LEU B 295 25.66 2.73 -16.44
C LEU B 295 24.51 2.64 -17.45
N HIS B 296 23.29 2.49 -16.93
CA HIS B 296 22.01 2.44 -17.66
C HIS B 296 20.90 2.65 -16.64
N PRO B 297 19.97 3.61 -16.87
CA PRO B 297 18.88 3.86 -15.92
C PRO B 297 17.87 2.72 -15.82
N LEU B 298 17.84 1.87 -16.83
CA LEU B 298 16.93 0.72 -16.99
C LEU B 298 15.53 1.25 -17.30
N PRO B 299 14.58 0.42 -17.78
CA PRO B 299 14.85 -0.99 -18.09
C PRO B 299 15.80 -1.01 -19.28
N ARG B 300 16.71 -1.98 -19.34
CA ARG B 300 17.43 -2.30 -20.59
C ARG B 300 16.42 -3.07 -21.47
N VAL B 301 16.71 -3.27 -22.75
CA VAL B 301 15.94 -4.21 -23.62
C VAL B 301 16.98 -4.90 -24.50
N ASN B 302 17.35 -4.31 -25.65
CA ASN B 302 18.46 -4.85 -26.48
C ASN B 302 19.68 -3.93 -26.38
N GLU B 303 19.56 -2.78 -25.69
CA GLU B 303 20.62 -1.75 -25.52
C GLU B 303 21.95 -2.39 -25.13
N ILE B 304 21.90 -3.31 -24.16
CA ILE B 304 23.07 -4.04 -23.59
C ILE B 304 22.77 -5.53 -23.63
N LYS B 305 23.57 -6.31 -24.37
CA LYS B 305 23.49 -7.80 -24.49
C LYS B 305 23.77 -8.43 -23.11
N VAL B 306 23.06 -9.50 -22.79
CA VAL B 306 23.08 -10.15 -21.45
C VAL B 306 24.51 -10.59 -21.12
N GLU B 307 25.26 -11.09 -22.10
CA GLU B 307 26.67 -11.55 -21.90
C GLU B 307 27.44 -10.50 -21.08
N VAL B 308 27.10 -9.21 -21.20
CA VAL B 308 27.86 -8.07 -20.61
C VAL B 308 27.70 -8.09 -19.07
N ASP B 309 26.61 -8.65 -18.55
CA ASP B 309 26.35 -8.68 -17.08
C ASP B 309 27.53 -9.37 -16.36
N SER B 310 28.15 -10.39 -16.98
CA SER B 310 29.33 -11.10 -16.42
C SER B 310 30.51 -10.13 -16.29
N ASN B 311 30.52 -9.09 -17.11
CA ASN B 311 31.69 -8.22 -17.32
C ASN B 311 31.87 -7.33 -16.10
N PRO B 312 33.04 -7.35 -15.40
CA PRO B 312 33.25 -6.49 -14.24
C PRO B 312 32.99 -5.00 -14.53
N LYS B 313 33.04 -4.62 -15.82
CA LYS B 313 32.73 -3.26 -16.33
C LYS B 313 31.25 -2.90 -16.08
N SER B 314 30.32 -3.85 -16.16
CA SER B 314 28.87 -3.58 -15.98
C SER B 314 28.56 -3.29 -14.50
N VAL B 315 27.88 -2.15 -14.22
CA VAL B 315 27.41 -1.69 -12.87
C VAL B 315 25.93 -1.22 -12.90
N TYR B 316 25.18 -1.48 -13.98
CA TYR B 316 23.82 -0.90 -14.17
C TYR B 316 22.91 -1.38 -13.03
N PHE B 317 23.12 -2.60 -12.52
CA PHE B 317 22.30 -3.23 -11.46
C PHE B 317 22.66 -2.64 -10.10
N THR B 318 23.94 -2.29 -9.89
CA THR B 318 24.41 -1.65 -8.64
C THR B 318 23.82 -0.23 -8.60
N GLN B 319 23.84 0.46 -9.74
CA GLN B 319 23.16 1.78 -9.98
C GLN B 319 21.71 1.73 -9.47
N ALA B 320 20.87 0.83 -10.01
CA ALA B 320 19.47 0.61 -9.61
C ALA B 320 19.41 0.43 -8.07
N GLU B 321 20.31 -0.39 -7.53
CA GLU B 321 20.41 -0.70 -6.08
C GLU B 321 20.69 0.61 -5.34
N ASN B 322 21.61 1.44 -5.83
CA ASN B 322 22.01 2.68 -5.12
C ASN B 322 20.82 3.64 -4.96
N GLY B 323 19.86 3.55 -5.88
CA GLY B 323 18.60 4.31 -5.81
C GLY B 323 17.98 4.22 -4.42
N LEU B 324 18.07 3.05 -3.78
CA LEU B 324 17.45 2.82 -2.45
C LEU B 324 18.17 3.71 -1.44
N TYR B 325 19.52 3.65 -1.49
CA TYR B 325 20.42 4.32 -0.50
C TYR B 325 20.35 5.83 -0.71
N VAL B 326 20.18 6.28 -1.95
CA VAL B 326 20.19 7.73 -2.26
C VAL B 326 18.83 8.32 -1.84
N ARG B 327 17.73 7.62 -2.06
CA ARG B 327 16.38 8.15 -1.72
C ARG B 327 16.22 8.13 -0.21
N MET B 328 16.72 7.10 0.48
CA MET B 328 16.82 7.11 1.98
C MET B 328 17.61 8.34 2.44
N ALA B 329 18.79 8.56 1.91
CA ALA B 329 19.60 9.75 2.26
C ALA B 329 18.74 11.01 2.14
N LEU B 330 18.10 11.18 0.99
CA LEU B 330 17.45 12.46 0.62
C LEU B 330 16.27 12.67 1.58
N LEU B 331 15.47 11.63 1.78
CA LEU B 331 14.31 11.68 2.68
C LEU B 331 14.80 12.00 4.10
N TYR B 332 15.88 11.34 4.55
CA TYR B 332 16.44 11.59 5.89
C TYR B 332 16.81 13.06 6.00
N LEU B 333 17.66 13.55 5.09
CA LEU B 333 18.19 14.94 5.19
C LEU B 333 17.05 15.97 5.22
N ILE B 334 15.96 15.72 4.48
CA ILE B 334 14.84 16.69 4.24
C ILE B 334 13.82 16.63 5.38
N PHE B 335 13.44 15.46 5.87
CA PHE B 335 12.23 15.28 6.69
C PHE B 335 12.57 15.07 8.17
N SER B 336 13.82 14.76 8.52
CA SER B 336 14.27 14.74 9.93
C SER B 336 13.72 15.97 10.65
N SER B 337 13.31 15.82 11.91
CA SER B 337 12.64 16.89 12.70
C SER B 337 13.68 17.88 13.24
N THR B 338 14.84 17.35 13.60
CA THR B 338 16.10 18.09 13.88
C THR B 338 17.26 17.13 13.64
N SER B 339 18.49 17.64 13.62
CA SER B 339 19.74 16.86 13.80
C SER B 339 20.17 16.91 15.28
N SER B 340 20.87 15.87 15.72
CA SER B 340 21.81 15.86 16.87
C SER B 340 23.09 15.20 16.32
N ALA B 341 24.28 15.53 16.84
CA ALA B 341 25.56 14.90 16.45
C ALA B 341 25.34 13.39 16.26
N TRP B 342 24.89 12.76 17.35
CA TRP B 342 24.78 11.28 17.52
C TRP B 342 23.80 10.67 16.49
N SER B 343 22.61 11.25 16.29
CA SER B 343 21.43 10.61 15.61
C SER B 343 21.65 10.43 14.10
N HIS B 344 22.70 11.03 13.51
CA HIS B 344 23.05 10.85 12.07
C HIS B 344 23.53 9.42 11.87
N PRO B 345 23.36 8.85 10.65
CA PRO B 345 23.90 7.53 10.37
C PRO B 345 25.42 7.59 10.21
N GLN B 346 26.07 6.55 10.71
CA GLN B 346 27.54 6.38 10.71
C GLN B 346 27.86 4.89 10.48
N PHE B 347 29.06 4.61 10.00
CA PHE B 347 29.58 3.22 9.99
C PHE B 347 31.04 3.21 10.47
N PHE C 2 12.01 -27.26 25.17
CA PHE C 2 11.31 -25.95 25.20
C PHE C 2 9.99 -26.09 24.42
N TYR C 3 9.88 -27.01 23.44
CA TYR C 3 8.99 -26.83 22.25
C TYR C 3 8.44 -28.16 21.73
N ILE C 4 7.17 -28.45 22.03
CA ILE C 4 6.56 -29.80 21.81
C ILE C 4 5.32 -29.59 20.91
N ASN C 5 4.82 -30.64 20.23
CA ASN C 5 3.52 -30.65 19.48
C ASN C 5 2.45 -31.50 20.22
N SER C 6 2.55 -31.57 21.56
CA SER C 6 1.95 -32.54 22.54
C SER C 6 2.99 -33.57 22.97
N LYS C 7 3.51 -34.35 21.99
CA LYS C 7 4.40 -35.55 22.14
C LYS C 7 5.76 -35.37 21.39
N TYR C 8 5.85 -34.63 20.27
CA TYR C 8 7.10 -34.42 19.47
C TYR C 8 7.81 -33.12 19.83
N LYS C 9 9.07 -33.23 20.25
CA LYS C 9 10.00 -32.09 20.48
C LYS C 9 10.42 -31.49 19.13
N ILE C 10 10.79 -30.21 19.14
CA ILE C 10 11.14 -29.42 17.92
C ILE C 10 12.33 -28.53 18.26
N ASP C 11 13.55 -28.81 17.74
CA ASP C 11 14.72 -27.90 17.91
C ASP C 11 14.51 -26.73 16.93
N LEU C 12 13.59 -25.83 17.30
CA LEU C 12 13.10 -24.67 16.52
C LEU C 12 14.29 -23.75 16.19
N ASP C 13 15.31 -23.70 17.06
CA ASP C 13 16.63 -23.10 16.75
C ASP C 13 17.28 -23.80 15.54
N LYS C 14 17.53 -25.11 15.65
CA LYS C 14 18.13 -25.93 14.57
C LYS C 14 17.35 -25.72 13.28
N ILE C 15 16.03 -25.93 13.34
CA ILE C 15 15.14 -25.96 12.13
C ILE C 15 15.12 -24.58 11.47
N MET C 16 15.22 -23.52 12.25
CA MET C 16 15.22 -22.15 11.68
C MET C 16 16.55 -21.92 10.96
N THR C 17 17.70 -22.22 11.56
CA THR C 17 19.02 -22.08 10.88
C THR C 17 18.96 -22.82 9.54
N LYS C 18 18.19 -23.89 9.44
CA LYS C 18 18.00 -24.67 8.18
C LYS C 18 17.04 -23.92 7.24
N MET C 19 15.97 -23.32 7.75
CA MET C 19 14.95 -22.67 6.89
C MET C 19 15.35 -21.23 6.55
N LYS C 20 16.24 -20.61 7.32
CA LYS C 20 16.66 -19.20 7.10
C LYS C 20 16.88 -18.98 5.61
N ASN C 21 16.09 -18.09 5.01
CA ASN C 21 16.29 -17.54 3.64
C ASN C 21 16.00 -18.63 2.59
N LYS C 22 15.29 -19.67 3.01
CA LYS C 22 14.63 -20.68 2.16
C LYS C 22 13.58 -19.96 1.34
N SER C 23 13.52 -20.20 0.04
CA SER C 23 12.31 -19.89 -0.78
C SER C 23 11.37 -21.08 -0.67
N VAL C 24 10.08 -20.82 -0.69
CA VAL C 24 9.05 -21.89 -0.67
C VAL C 24 8.18 -21.71 -1.92
N ILE C 25 8.40 -22.57 -2.91
CA ILE C 25 7.75 -22.50 -4.24
C ILE C 25 6.79 -23.67 -4.40
N ASN C 26 7.24 -24.89 -4.10
CA ASN C 26 6.41 -26.12 -4.07
C ASN C 26 6.28 -26.58 -2.63
N ILE C 27 5.16 -27.19 -2.25
CA ILE C 27 5.00 -27.83 -0.91
C ILE C 27 6.13 -28.85 -0.70
N ASP C 28 6.71 -29.39 -1.77
CA ASP C 28 7.84 -30.35 -1.65
C ASP C 28 9.06 -29.65 -1.02
N ASP C 29 9.10 -28.32 -0.98
CA ASP C 29 10.23 -27.53 -0.39
C ASP C 29 10.15 -27.54 1.14
N VAL C 30 9.02 -28.00 1.71
CA VAL C 30 8.86 -28.24 3.16
C VAL C 30 9.04 -29.72 3.45
N ASP C 31 9.98 -30.06 4.32
CA ASP C 31 10.24 -31.45 4.73
C ASP C 31 9.50 -31.74 6.04
N ASP C 32 9.80 -32.87 6.67
CA ASP C 32 9.10 -33.37 7.89
C ASP C 32 9.36 -32.36 9.02
N GLU C 33 10.60 -32.17 9.44
CA GLU C 33 10.97 -31.26 10.57
C GLU C 33 10.41 -29.85 10.34
N GLU C 34 10.48 -29.35 9.11
CA GLU C 34 10.01 -28.00 8.70
C GLU C 34 8.49 -27.94 8.90
N LEU C 35 7.76 -29.02 8.56
CA LEU C 35 6.29 -29.04 8.71
C LEU C 35 5.95 -28.95 10.20
N LEU C 36 6.64 -29.70 11.04
CA LEU C 36 6.45 -29.69 12.51
C LEU C 36 6.73 -28.26 13.02
N ALA C 37 7.78 -27.63 12.53
CA ALA C 37 8.12 -26.23 12.93
C ALA C 37 6.99 -25.26 12.54
N ILE C 38 6.43 -25.40 11.33
CA ILE C 38 5.34 -24.53 10.79
C ILE C 38 4.07 -24.78 11.61
N LEU C 39 3.80 -26.05 11.96
CA LEU C 39 2.57 -26.44 12.70
C LEU C 39 2.64 -25.91 14.13
N TYR C 40 3.82 -26.05 14.76
CA TYR C 40 4.07 -25.52 16.11
C TYR C 40 3.92 -24.00 16.10
N THR C 41 4.61 -23.33 15.20
CA THR C 41 4.71 -21.84 15.17
C THR C 41 3.33 -21.28 14.82
N SER C 42 2.60 -21.88 13.88
CA SER C 42 1.23 -21.46 13.53
C SER C 42 0.32 -21.50 14.78
N LYS C 43 0.36 -22.58 15.56
CA LYS C 43 -0.46 -22.73 16.80
C LYS C 43 -0.03 -21.72 17.85
N GLN C 44 1.24 -21.33 17.91
CA GLN C 44 1.61 -20.23 18.84
C GLN C 44 0.87 -18.96 18.38
N PHE C 45 1.01 -18.58 17.11
CA PHE C 45 0.41 -17.35 16.54
C PHE C 45 -1.12 -17.42 16.65
N GLU C 46 -1.74 -18.57 16.42
CA GLU C 46 -3.21 -18.72 16.64
C GLU C 46 -3.55 -18.27 18.07
N LYS C 47 -2.86 -18.78 19.08
CA LYS C 47 -3.16 -18.59 20.53
C LYS C 47 -2.86 -17.15 20.93
N ILE C 48 -1.75 -16.62 20.44
CA ILE C 48 -1.31 -15.22 20.73
C ILE C 48 -2.35 -14.24 20.20
N LEU C 49 -2.76 -14.36 18.93
CA LEU C 49 -3.79 -13.49 18.28
C LEU C 49 -5.14 -13.68 18.98
N LYS C 50 -5.60 -14.91 19.19
CA LYS C 50 -6.93 -15.16 19.83
C LYS C 50 -6.93 -14.52 21.24
N ASN C 51 -5.80 -14.47 21.97
CA ASN C 51 -5.72 -13.90 23.34
C ASN C 51 -5.31 -12.42 23.33
N ASN C 52 -5.30 -11.79 22.16
CA ASN C 52 -5.04 -10.34 21.99
C ASN C 52 -3.66 -9.96 22.55
N GLU C 53 -2.69 -10.86 22.50
CA GLU C 53 -1.32 -10.57 23.00
C GLU C 53 -0.46 -10.08 21.82
N ASP C 54 0.73 -9.52 22.13
CA ASP C 54 1.68 -8.93 21.15
C ASP C 54 2.07 -9.99 20.11
N SER C 55 1.91 -9.67 18.83
CA SER C 55 2.20 -10.58 17.71
C SER C 55 3.45 -10.14 16.96
N LYS C 56 4.12 -9.07 17.39
CA LYS C 56 5.22 -8.46 16.60
C LYS C 56 6.50 -9.29 16.78
N TYR C 57 6.55 -10.50 16.23
CA TYR C 57 7.74 -11.41 16.32
C TYR C 57 8.72 -11.17 15.15
N LEU C 58 8.44 -10.26 14.24
CA LEU C 58 9.32 -9.96 13.09
C LEU C 58 9.09 -8.52 12.63
N GLU C 59 9.66 -7.56 13.35
CA GLU C 59 9.79 -6.14 12.96
C GLU C 59 11.08 -6.05 12.15
N ASN C 60 11.35 -4.95 11.46
CA ASN C 60 12.63 -4.67 10.77
C ASN C 60 12.58 -5.10 9.31
N LYS C 61 11.65 -5.94 8.92
CA LYS C 61 11.69 -6.45 7.54
C LYS C 61 10.77 -5.57 6.69
N VAL C 62 11.14 -5.46 5.42
CA VAL C 62 10.30 -4.89 4.34
C VAL C 62 10.15 -5.98 3.28
N PHE C 63 8.92 -6.27 2.85
CA PHE C 63 8.60 -7.25 1.79
C PHE C 63 8.06 -6.47 0.58
N CYS C 64 8.03 -7.15 -0.58
CA CYS C 64 7.24 -6.80 -1.78
C CYS C 64 6.19 -7.88 -2.03
N SER C 65 4.92 -7.51 -2.19
CA SER C 65 3.78 -8.39 -2.53
C SER C 65 3.48 -8.15 -4.02
N VAL C 66 4.11 -8.91 -4.92
CA VAL C 66 3.87 -8.88 -6.39
C VAL C 66 2.76 -9.85 -6.76
N PHE C 67 1.58 -9.33 -7.05
CA PHE C 67 0.36 -10.10 -7.41
C PHE C 67 -0.06 -9.68 -8.82
N LEU C 68 0.27 -10.52 -9.80
CA LEU C 68 0.06 -10.24 -11.24
C LEU C 68 -1.23 -10.90 -11.75
N GLU C 69 -2.07 -11.40 -10.83
CA GLU C 69 -3.51 -11.70 -11.04
C GLU C 69 -4.23 -11.29 -9.76
N PRO C 70 -5.52 -10.93 -9.81
CA PRO C 70 -6.26 -10.69 -8.57
C PRO C 70 -6.45 -12.02 -7.83
N SER C 71 -5.71 -12.31 -6.76
CA SER C 71 -6.26 -13.16 -5.66
C SER C 71 -6.25 -12.30 -4.42
N THR C 72 -7.31 -11.51 -4.28
CA THR C 72 -7.48 -10.53 -3.19
C THR C 72 -7.52 -11.29 -1.84
N ARG C 73 -8.23 -12.41 -1.71
CA ARG C 73 -8.20 -13.15 -0.41
C ARG C 73 -6.75 -13.48 -0.02
N THR C 74 -5.98 -14.11 -0.93
CA THR C 74 -4.62 -14.64 -0.65
C THR C 74 -3.70 -13.46 -0.37
N ARG C 75 -3.75 -12.43 -1.21
CA ARG C 75 -2.90 -11.23 -1.05
C ARG C 75 -3.09 -10.68 0.36
N CYS C 76 -4.33 -10.29 0.68
CA CYS C 76 -4.72 -9.59 1.94
C CYS C 76 -4.27 -10.41 3.15
N SER C 77 -4.29 -11.74 3.01
CA SER C 77 -3.88 -12.71 4.05
C SER C 77 -2.42 -12.43 4.40
N PHE C 78 -1.57 -12.51 3.39
CA PHE C 78 -0.12 -12.25 3.50
C PHE C 78 0.13 -10.85 4.06
N ASP C 79 -0.54 -9.83 3.53
CA ASP C 79 -0.32 -8.42 3.96
C ASP C 79 -0.52 -8.36 5.48
N ALA C 80 -1.62 -8.97 5.94
CA ALA C 80 -2.03 -9.02 7.36
C ALA C 80 -0.98 -9.81 8.13
N ALA C 81 -0.56 -10.94 7.58
CA ALA C 81 0.50 -11.76 8.20
C ALA C 81 1.72 -10.85 8.46
N ILE C 82 2.21 -10.19 7.42
CA ILE C 82 3.42 -9.32 7.51
C ILE C 82 3.14 -8.24 8.56
N LEU C 83 1.99 -7.60 8.48
CA LEU C 83 1.76 -6.37 9.26
C LEU C 83 1.58 -6.74 10.74
N LYS C 84 0.95 -7.88 11.00
CA LYS C 84 0.69 -8.35 12.39
C LYS C 84 2.03 -8.78 13.00
N LEU C 85 2.95 -9.30 12.19
CA LEU C 85 4.32 -9.60 12.67
C LEU C 85 5.06 -8.31 13.00
N GLY C 86 4.59 -7.15 12.53
CA GLY C 86 5.20 -5.82 12.80
C GLY C 86 6.24 -5.41 11.77
N SER C 87 6.38 -6.16 10.67
CA SER C 87 7.16 -5.81 9.45
C SER C 87 6.32 -4.93 8.50
N LYS C 88 6.89 -4.47 7.39
CA LYS C 88 6.20 -3.58 6.43
C LYS C 88 6.16 -4.25 5.08
N VAL C 89 5.26 -3.83 4.19
CA VAL C 89 5.18 -4.40 2.83
C VAL C 89 4.93 -3.31 1.82
N LEU C 90 5.52 -3.43 0.63
CA LEU C 90 5.14 -2.62 -0.58
C LEU C 90 4.45 -3.53 -1.59
N ASN C 91 3.25 -3.14 -2.01
CA ASN C 91 2.40 -3.97 -2.91
C ASN C 91 2.50 -3.50 -4.36
N ILE C 92 2.55 -4.45 -5.28
CA ILE C 92 2.29 -4.29 -6.74
C ILE C 92 1.07 -5.16 -7.07
N THR C 93 0.00 -4.63 -7.68
CA THR C 93 -1.31 -5.33 -7.82
C THR C 93 -2.21 -4.64 -8.86
N ASP C 94 -3.35 -5.26 -9.20
CA ASP C 94 -4.25 -4.85 -10.32
C ASP C 94 -3.45 -4.92 -11.64
N MET C 95 -2.18 -5.35 -11.59
CA MET C 95 -1.28 -5.52 -12.76
C MET C 95 -1.48 -6.93 -13.28
N ASN C 96 -1.05 -7.20 -14.52
CA ASN C 96 -0.92 -8.57 -15.11
C ASN C 96 0.53 -8.78 -15.57
N SER C 97 0.91 -10.05 -15.80
CA SER C 97 2.23 -10.48 -16.35
C SER C 97 2.83 -9.36 -17.23
N THR C 98 2.12 -8.91 -18.28
CA THR C 98 2.67 -8.13 -19.43
C THR C 98 2.79 -6.61 -19.12
N SER C 99 1.85 -6.00 -18.38
CA SER C 99 1.85 -4.54 -18.04
C SER C 99 2.76 -4.25 -16.84
N PHE C 100 3.17 -5.29 -16.08
CA PHE C 100 4.17 -5.20 -14.98
C PHE C 100 5.56 -5.29 -15.59
N TYR C 101 5.87 -6.37 -16.32
CA TYR C 101 7.14 -6.57 -17.09
C TYR C 101 7.01 -5.89 -18.46
N LYS C 102 6.74 -4.57 -18.50
CA LYS C 102 6.46 -3.81 -19.75
C LYS C 102 7.60 -4.08 -20.76
N GLY C 103 7.70 -5.33 -21.24
CA GLY C 103 8.84 -5.80 -22.06
C GLY C 103 10.18 -5.66 -21.35
N GLU C 104 10.23 -5.48 -20.04
CA GLU C 104 11.41 -5.80 -19.19
C GLU C 104 11.51 -7.33 -19.06
N THR C 105 12.71 -7.90 -19.05
CA THR C 105 12.91 -9.35 -18.78
C THR C 105 12.48 -9.62 -17.33
N VAL C 106 11.97 -10.80 -16.99
CA VAL C 106 11.60 -11.09 -15.58
C VAL C 106 12.89 -11.06 -14.75
N GLU C 107 13.93 -11.73 -15.26
CA GLU C 107 15.25 -11.89 -14.60
C GLU C 107 15.72 -10.52 -14.06
N ASP C 108 15.71 -9.50 -14.91
CA ASP C 108 16.19 -8.12 -14.64
C ASP C 108 15.37 -7.51 -13.51
N ALA C 109 14.07 -7.75 -13.52
CA ALA C 109 13.10 -7.08 -12.63
C ALA C 109 13.27 -7.64 -11.22
N PHE C 110 13.46 -8.95 -11.08
CA PHE C 110 13.62 -9.59 -9.75
C PHE C 110 15.04 -9.34 -9.26
N LYS C 111 16.00 -9.20 -10.20
CA LYS C 111 17.41 -8.86 -9.85
C LYS C 111 17.37 -7.52 -9.11
N ILE C 112 16.60 -6.56 -9.59
CA ILE C 112 16.59 -5.14 -9.11
C ILE C 112 15.76 -5.04 -7.83
N LEU C 113 14.52 -5.54 -7.89
CA LEU C 113 13.53 -5.46 -6.80
C LEU C 113 14.06 -6.22 -5.56
N SER C 114 14.81 -7.30 -5.75
CA SER C 114 15.39 -8.06 -4.61
C SER C 114 16.41 -7.18 -3.86
N THR C 115 16.94 -6.13 -4.47
CA THR C 115 17.93 -5.21 -3.84
C THR C 115 17.22 -4.17 -2.96
N TYR C 116 15.90 -4.07 -3.06
CA TYR C 116 15.05 -3.06 -2.37
C TYR C 116 14.43 -3.62 -1.06
N VAL C 117 14.16 -4.92 -1.01
CA VAL C 117 13.32 -5.60 0.03
C VAL C 117 14.08 -6.80 0.61
N ASP C 118 13.54 -7.42 1.66
CA ASP C 118 14.19 -8.54 2.41
C ASP C 118 13.69 -9.88 1.90
N GLY C 119 12.47 -9.91 1.38
CA GLY C 119 11.88 -11.08 0.71
C GLY C 119 10.73 -10.67 -0.18
N ILE C 120 10.29 -11.56 -1.06
CA ILE C 120 9.18 -11.24 -2.01
C ILE C 120 8.13 -12.35 -1.94
N ILE C 121 6.88 -11.97 -1.70
CA ILE C 121 5.67 -12.80 -1.95
C ILE C 121 5.22 -12.56 -3.40
N TYR C 122 5.00 -13.62 -4.16
CA TYR C 122 4.83 -13.54 -5.63
C TYR C 122 3.68 -14.45 -6.07
N ARG C 123 2.63 -13.90 -6.67
CA ARG C 123 1.60 -14.68 -7.41
C ARG C 123 1.61 -14.25 -8.88
N ASP C 124 1.73 -15.24 -9.77
CA ASP C 124 1.73 -15.09 -11.24
C ASP C 124 1.06 -16.31 -11.83
N PRO C 125 0.07 -16.20 -12.74
CA PRO C 125 -0.40 -17.34 -13.52
C PRO C 125 0.73 -18.09 -14.28
N SER C 126 1.67 -17.38 -14.89
CA SER C 126 2.81 -18.02 -15.60
C SER C 126 3.45 -19.10 -14.72
N LYS C 127 3.52 -20.32 -15.25
CA LYS C 127 4.39 -21.42 -14.76
C LYS C 127 5.83 -20.90 -14.63
N LYS C 128 6.41 -20.66 -15.81
CA LYS C 128 7.82 -20.25 -16.09
C LYS C 128 8.26 -19.22 -15.04
N ASN C 129 7.48 -18.16 -14.80
CA ASN C 129 7.93 -16.91 -14.17
C ASN C 129 8.39 -17.08 -12.72
N VAL C 130 7.62 -17.76 -11.87
CA VAL C 130 8.04 -17.88 -10.45
C VAL C 130 9.44 -18.50 -10.40
N ASP C 131 9.68 -19.51 -11.23
CA ASP C 131 11.01 -20.20 -11.30
C ASP C 131 12.08 -19.18 -11.70
N ILE C 132 11.77 -18.29 -12.65
CA ILE C 132 12.74 -17.29 -13.20
C ILE C 132 13.08 -16.30 -12.09
N ALA C 133 12.09 -15.91 -11.32
CA ALA C 133 12.27 -14.97 -10.19
C ALA C 133 13.20 -15.63 -9.17
N VAL C 134 12.95 -16.91 -8.87
CA VAL C 134 13.70 -17.62 -7.81
C VAL C 134 15.17 -17.67 -8.23
N SER C 135 15.45 -17.75 -9.54
CA SER C 135 16.83 -17.79 -10.13
C SER C 135 17.50 -16.43 -9.99
N SER C 136 16.73 -15.34 -10.15
CA SER C 136 17.27 -13.99 -10.33
C SER C 136 17.31 -13.29 -8.98
N SER C 137 16.45 -13.65 -8.04
CA SER C 137 16.23 -12.85 -6.80
C SER C 137 17.40 -13.16 -5.86
N SER C 138 17.93 -12.11 -5.24
CA SER C 138 18.98 -12.20 -4.18
C SER C 138 18.27 -12.39 -2.82
N LYS C 139 16.98 -12.69 -2.84
CA LYS C 139 16.16 -12.72 -1.62
C LYS C 139 15.11 -13.81 -1.73
N PRO C 140 14.82 -14.48 -0.61
CA PRO C 140 13.82 -15.55 -0.55
C PRO C 140 12.55 -15.16 -1.28
N ILE C 141 11.92 -16.09 -1.98
CA ILE C 141 10.57 -15.89 -2.59
C ILE C 141 9.60 -16.89 -1.98
N ILE C 142 8.38 -16.44 -1.73
CA ILE C 142 7.26 -17.30 -1.30
C ILE C 142 6.17 -17.22 -2.36
N ASN C 143 5.87 -18.38 -2.94
CA ASN C 143 4.88 -18.53 -4.03
C ASN C 143 3.49 -18.46 -3.39
N ALA C 144 2.70 -17.50 -3.84
CA ALA C 144 1.29 -17.35 -3.43
C ALA C 144 0.40 -17.94 -4.54
N GLY C 145 0.99 -18.59 -5.53
CA GLY C 145 0.26 -19.40 -6.52
C GLY C 145 0.71 -19.14 -7.94
N ASN C 146 0.72 -20.18 -8.79
CA ASN C 146 1.00 -20.09 -10.23
C ASN C 146 0.15 -21.13 -10.99
N GLY C 147 0.22 -21.11 -12.34
CA GLY C 147 -0.57 -21.93 -13.29
C GLY C 147 -0.23 -23.41 -13.22
N THR C 148 0.95 -23.73 -12.69
CA THR C 148 1.38 -25.11 -12.36
C THR C 148 0.66 -25.62 -11.11
N GLY C 149 -0.32 -24.89 -10.58
CA GLY C 149 -1.06 -25.38 -9.41
C GLY C 149 -0.20 -25.60 -8.16
N GLU C 150 1.00 -25.03 -8.11
CA GLU C 150 1.81 -24.90 -6.86
C GLU C 150 1.21 -23.79 -5.97
N HIS C 151 0.89 -24.10 -4.73
CA HIS C 151 0.39 -23.13 -3.71
C HIS C 151 0.69 -23.67 -2.32
N PRO C 152 1.96 -23.64 -1.92
CA PRO C 152 2.41 -24.27 -0.69
C PRO C 152 1.71 -23.77 0.59
N THR C 153 1.46 -22.48 0.66
CA THR C 153 0.77 -21.83 1.80
C THR C 153 -0.65 -22.42 1.95
N GLN C 154 -1.34 -22.69 0.83
CA GLN C 154 -2.70 -23.29 0.82
C GLN C 154 -2.62 -24.74 1.29
N SER C 155 -1.69 -25.55 0.78
CA SER C 155 -1.36 -26.89 1.32
C SER C 155 -1.11 -26.77 2.83
N LEU C 156 -0.07 -26.05 3.24
CA LEU C 156 0.34 -25.89 4.67
C LEU C 156 -0.89 -25.55 5.53
N LEU C 157 -1.74 -24.59 5.11
CA LEU C 157 -2.90 -24.14 5.93
C LEU C 157 -3.99 -25.22 5.88
N ASP C 158 -4.19 -25.90 4.73
CA ASP C 158 -5.13 -27.05 4.60
C ASP C 158 -4.70 -28.09 5.64
N PHE C 159 -3.43 -28.45 5.64
CA PHE C 159 -2.86 -29.43 6.59
C PHE C 159 -3.02 -28.98 8.03
N TYR C 160 -2.76 -27.70 8.32
CA TYR C 160 -2.81 -27.17 9.70
C TYR C 160 -4.23 -27.35 10.23
N THR C 161 -5.22 -27.06 9.39
CA THR C 161 -6.67 -27.20 9.69
C THR C 161 -6.95 -28.66 10.07
N ILE C 162 -6.54 -29.59 9.20
CA ILE C 162 -6.74 -31.06 9.35
C ILE C 162 -6.07 -31.57 10.63
N HIS C 163 -4.83 -31.15 10.89
CA HIS C 163 -4.05 -31.60 12.07
C HIS C 163 -4.67 -31.04 13.36
N ASN C 164 -5.50 -29.99 13.26
CA ASN C 164 -6.10 -29.39 14.47
C ASN C 164 -7.26 -30.26 14.94
N TYR C 165 -7.89 -31.03 14.05
CA TYR C 165 -9.04 -31.90 14.40
C TYR C 165 -8.61 -33.36 14.52
N PHE C 166 -7.48 -33.74 13.90
CA PHE C 166 -7.00 -35.15 13.79
C PHE C 166 -5.50 -35.16 13.92
N PRO C 167 -4.94 -34.80 15.09
CA PRO C 167 -3.50 -34.65 15.25
C PRO C 167 -2.69 -35.95 15.20
N PHE C 168 -3.37 -37.10 15.06
CA PHE C 168 -2.76 -38.45 14.89
C PHE C 168 -2.19 -38.61 13.48
N ILE C 169 -2.47 -37.68 12.57
CA ILE C 169 -1.96 -37.74 11.17
C ILE C 169 -0.43 -37.64 11.20
N LEU C 170 0.13 -36.93 12.19
CA LEU C 170 1.61 -36.71 12.35
C LEU C 170 2.29 -37.96 12.87
N ASP C 171 1.54 -38.81 13.56
CA ASP C 171 2.07 -39.96 14.33
C ASP C 171 2.57 -41.02 13.33
N ARG C 172 2.07 -41.02 12.09
CA ARG C 172 2.34 -42.10 11.11
C ARG C 172 2.22 -43.43 11.84
N ASN C 173 1.09 -43.64 12.50
CA ASN C 173 0.85 -44.88 13.28
C ASN C 173 -0.11 -45.76 12.46
N ILE C 174 0.29 -47.02 12.24
CA ILE C 174 -0.29 -47.90 11.19
C ILE C 174 -1.74 -48.21 11.56
N ASN C 175 -2.09 -48.03 12.84
CA ASN C 175 -3.45 -48.31 13.40
C ASN C 175 -4.33 -47.05 13.42
N LYS C 176 -3.73 -45.86 13.44
CA LYS C 176 -4.47 -44.58 13.43
C LYS C 176 -4.26 -43.96 12.03
N LYS C 177 -5.17 -44.33 11.11
CA LYS C 177 -5.21 -43.89 9.69
C LYS C 177 -6.33 -42.87 9.48
N LEU C 178 -6.07 -41.83 8.70
CA LEU C 178 -7.06 -40.76 8.42
C LEU C 178 -7.56 -40.91 6.99
N ASN C 179 -8.88 -40.93 6.80
CA ASN C 179 -9.50 -41.03 5.45
C ASN C 179 -10.09 -39.67 5.11
N ILE C 180 -9.85 -39.22 3.87
CA ILE C 180 -10.29 -37.90 3.32
C ILE C 180 -11.05 -38.15 2.01
N ALA C 181 -12.09 -37.37 1.78
CA ALA C 181 -12.84 -37.35 0.51
C ALA C 181 -12.59 -36.01 -0.18
N PHE C 182 -11.99 -36.06 -1.36
CA PHE C 182 -11.90 -34.91 -2.30
C PHE C 182 -13.08 -35.00 -3.25
N VAL C 183 -13.84 -33.90 -3.34
CA VAL C 183 -15.17 -33.86 -4.02
C VAL C 183 -15.17 -32.70 -5.03
N GLY C 184 -15.49 -33.03 -6.28
CA GLY C 184 -15.83 -32.06 -7.34
C GLY C 184 -14.91 -32.19 -8.54
N ASP C 185 -14.30 -31.08 -8.94
CA ASP C 185 -13.38 -31.00 -10.10
C ASP C 185 -11.95 -31.24 -9.59
N LEU C 186 -11.53 -32.50 -9.61
CA LEU C 186 -10.23 -32.96 -9.07
C LEU C 186 -9.16 -32.87 -10.17
N LYS C 187 -9.58 -32.80 -11.44
CA LYS C 187 -8.72 -32.55 -12.61
C LYS C 187 -8.09 -31.16 -12.50
N ASN C 188 -8.93 -30.17 -12.17
CA ASN C 188 -8.55 -28.73 -12.21
C ASN C 188 -8.43 -28.17 -10.80
N GLY C 189 -8.97 -28.83 -9.78
CA GLY C 189 -8.77 -28.42 -8.38
C GLY C 189 -7.34 -28.65 -7.94
N ARG C 190 -6.42 -27.73 -8.24
CA ARG C 190 -4.94 -27.94 -8.13
C ARG C 190 -4.53 -27.92 -6.65
N THR C 191 -5.46 -27.42 -5.85
CA THR C 191 -5.40 -27.32 -4.38
C THR C 191 -5.50 -28.75 -3.83
N VAL C 192 -6.12 -29.64 -4.58
CA VAL C 192 -6.25 -31.09 -4.26
C VAL C 192 -4.91 -31.77 -4.53
N HIS C 193 -4.33 -31.54 -5.71
CA HIS C 193 -3.09 -32.23 -6.14
C HIS C 193 -2.01 -32.00 -5.08
N SER C 194 -1.82 -30.75 -4.62
CA SER C 194 -0.69 -30.41 -3.72
C SER C 194 -0.98 -30.91 -2.30
N LEU C 195 -2.22 -30.84 -1.81
CA LEU C 195 -2.56 -31.37 -0.46
C LEU C 195 -2.32 -32.89 -0.45
N SER C 196 -2.83 -33.59 -1.47
CA SER C 196 -2.62 -35.04 -1.68
C SER C 196 -1.12 -35.35 -1.56
N LYS C 197 -0.27 -34.62 -2.28
CA LYS C 197 1.20 -34.86 -2.30
C LYS C 197 1.68 -34.88 -0.86
N LEU C 198 1.19 -33.94 -0.04
CA LEU C 198 1.62 -33.72 1.36
C LEU C 198 1.03 -34.80 2.28
N LEU C 199 -0.28 -35.04 2.21
CA LEU C 199 -1.01 -36.02 3.05
C LEU C 199 -0.42 -37.42 2.85
N SER C 200 -0.08 -37.78 1.62
CA SER C 200 0.46 -39.12 1.29
C SER C 200 1.79 -39.37 2.03
N ARG C 201 2.41 -38.32 2.59
CA ARG C 201 3.64 -38.47 3.41
C ARG C 201 3.31 -39.12 4.76
N TYR C 202 2.01 -39.22 5.06
CA TYR C 202 1.45 -39.74 6.31
C TYR C 202 0.50 -40.92 6.00
N ASN C 203 -0.04 -41.53 7.05
CA ASN C 203 -0.91 -42.73 6.93
C ASN C 203 -2.31 -42.26 6.55
N VAL C 204 -2.60 -42.15 5.26
CA VAL C 204 -3.85 -41.50 4.77
C VAL C 204 -4.49 -42.34 3.68
N SER C 205 -5.82 -42.29 3.63
CA SER C 205 -6.68 -43.07 2.71
C SER C 205 -7.56 -42.08 1.95
N PHE C 206 -7.47 -42.03 0.63
CA PHE C 206 -8.12 -41.02 -0.23
C PHE C 206 -9.34 -41.61 -0.94
N ASN C 207 -10.38 -40.78 -1.02
CA ASN C 207 -11.63 -41.05 -1.77
C ASN C 207 -11.81 -39.89 -2.73
N PHE C 208 -11.51 -40.11 -4.01
CA PHE C 208 -11.65 -39.11 -5.08
C PHE C 208 -13.04 -39.26 -5.67
N VAL C 209 -13.85 -38.24 -5.48
CA VAL C 209 -15.30 -38.27 -5.76
C VAL C 209 -15.57 -37.28 -6.89
N SER C 210 -15.80 -37.78 -8.11
CA SER C 210 -15.73 -36.98 -9.36
C SER C 210 -16.53 -37.66 -10.46
N CYS C 211 -16.89 -36.93 -11.53
CA CYS C 211 -17.67 -37.49 -12.66
C CYS C 211 -16.74 -38.33 -13.56
N LYS C 212 -16.72 -38.10 -14.87
CA LYS C 212 -15.72 -38.73 -15.79
C LYS C 212 -14.67 -37.68 -16.12
N SER C 213 -15.06 -36.62 -16.84
CA SER C 213 -14.18 -35.55 -17.38
C SER C 213 -13.24 -34.98 -16.30
N LEU C 214 -13.66 -34.93 -15.02
CA LEU C 214 -12.96 -34.13 -13.97
C LEU C 214 -12.48 -35.02 -12.80
N ASN C 215 -11.91 -36.20 -13.08
CA ASN C 215 -11.38 -37.12 -12.03
C ASN C 215 -9.94 -36.71 -11.75
N ILE C 216 -9.41 -37.08 -10.57
CA ILE C 216 -8.01 -36.77 -10.14
C ILE C 216 -7.04 -37.27 -11.22
N PRO C 217 -6.02 -36.49 -11.65
CA PRO C 217 -5.14 -36.91 -12.74
C PRO C 217 -4.18 -38.05 -12.37
N LYS C 218 -3.77 -38.84 -13.36
CA LYS C 218 -3.07 -40.13 -13.14
C LYS C 218 -1.77 -39.89 -12.35
N ASP C 219 -1.02 -38.82 -12.63
CA ASP C 219 0.30 -38.62 -11.97
C ASP C 219 0.15 -38.25 -10.49
N ILE C 220 -0.97 -37.68 -10.04
CA ILE C 220 -1.20 -37.42 -8.59
C ILE C 220 -1.32 -38.80 -7.92
N VAL C 221 -2.13 -39.68 -8.51
CA VAL C 221 -2.37 -41.06 -7.98
C VAL C 221 -1.02 -41.78 -7.85
N ASN C 222 -0.14 -41.60 -8.84
CA ASN C 222 1.22 -42.18 -8.87
C ASN C 222 2.08 -41.61 -7.74
N THR C 223 1.95 -40.29 -7.51
CA THR C 223 2.75 -39.54 -6.52
C THR C 223 2.29 -39.98 -5.14
N ILE C 224 0.97 -40.08 -4.96
CA ILE C 224 0.36 -40.51 -3.67
C ILE C 224 0.87 -41.92 -3.37
N THR C 225 0.73 -42.83 -4.34
CA THR C 225 1.11 -44.26 -4.23
C THR C 225 2.59 -44.36 -3.87
N TYR C 226 3.46 -43.59 -4.52
CA TYR C 226 4.93 -43.58 -4.23
C TYR C 226 5.12 -43.32 -2.72
N ASN C 227 4.51 -42.24 -2.21
CA ASN C 227 4.76 -41.69 -0.85
C ASN C 227 4.12 -42.59 0.21
N LEU C 228 3.02 -43.25 -0.14
CA LEU C 228 2.36 -44.25 0.73
C LEU C 228 3.29 -45.47 0.80
N LYS C 229 3.75 -45.96 -0.35
CA LYS C 229 4.70 -47.09 -0.44
C LYS C 229 5.96 -46.75 0.38
N LYS C 230 6.42 -45.49 0.42
CA LYS C 230 7.69 -45.17 1.11
C LYS C 230 7.55 -45.41 2.61
N ASN C 231 6.38 -45.18 3.22
CA ASN C 231 6.17 -45.34 4.68
C ASN C 231 5.31 -46.59 4.98
N ASN C 232 5.23 -47.51 4.02
CA ASN C 232 4.48 -48.81 4.11
C ASN C 232 3.06 -48.54 4.60
N PHE C 233 2.30 -47.71 3.89
CA PHE C 233 0.86 -47.44 4.14
C PHE C 233 0.04 -47.57 2.84
N TYR C 234 0.56 -48.26 1.82
CA TYR C 234 -0.19 -48.43 0.56
C TYR C 234 -0.96 -49.74 0.58
N SER C 235 -2.26 -49.71 0.23
CA SER C 235 -3.17 -50.88 0.02
C SER C 235 -4.05 -50.64 -1.20
N ASP C 236 -4.79 -51.68 -1.60
CA ASP C 236 -5.80 -51.60 -2.69
C ASP C 236 -6.86 -50.57 -2.28
N ASP C 237 -7.04 -50.41 -0.95
CA ASP C 237 -8.07 -49.53 -0.32
C ASP C 237 -7.43 -48.23 0.23
N SER C 238 -6.19 -47.89 -0.17
CA SER C 238 -5.58 -46.55 0.05
C SER C 238 -6.34 -45.54 -0.81
N ILE C 239 -6.49 -45.79 -2.10
CA ILE C 239 -7.14 -44.86 -3.07
C ILE C 239 -8.40 -45.53 -3.63
N LYS C 240 -9.56 -44.96 -3.33
CA LYS C 240 -10.87 -45.42 -3.86
C LYS C 240 -11.44 -44.28 -4.72
N TYR C 241 -12.33 -44.61 -5.66
CA TYR C 241 -13.01 -43.64 -6.56
C TYR C 241 -14.53 -43.81 -6.44
N PHE C 242 -15.28 -42.72 -6.55
CA PHE C 242 -16.77 -42.69 -6.49
C PHE C 242 -17.32 -41.69 -7.51
N ASP C 243 -18.59 -41.91 -7.86
CA ASP C 243 -19.43 -41.20 -8.86
C ASP C 243 -20.48 -40.31 -8.14
N ASN C 244 -20.48 -40.26 -6.79
CA ASN C 244 -21.60 -39.68 -5.99
C ASN C 244 -21.24 -39.66 -4.50
N LEU C 245 -21.92 -38.80 -3.73
CA LEU C 245 -21.49 -38.46 -2.35
C LEU C 245 -21.85 -39.62 -1.42
N GLU C 246 -23.09 -40.14 -1.50
CA GLU C 246 -23.63 -41.14 -0.53
C GLU C 246 -22.59 -42.25 -0.30
N GLU C 247 -21.93 -42.71 -1.37
CA GLU C 247 -20.86 -43.74 -1.32
C GLU C 247 -19.56 -43.10 -0.81
N GLY C 248 -19.16 -41.95 -1.36
CA GLY C 248 -17.83 -41.32 -1.14
C GLY C 248 -17.65 -40.72 0.24
N LEU C 249 -18.70 -40.12 0.82
CA LEU C 249 -18.61 -39.36 2.09
C LEU C 249 -18.69 -40.32 3.30
N GLU C 250 -18.80 -41.63 3.03
CA GLU C 250 -18.97 -42.65 4.11
C GLU C 250 -17.63 -42.88 4.79
N ASP C 251 -17.64 -42.84 6.11
CA ASP C 251 -16.47 -43.15 6.97
C ASP C 251 -15.26 -42.32 6.53
N VAL C 252 -15.39 -40.98 6.45
CA VAL C 252 -14.25 -40.07 6.12
C VAL C 252 -14.11 -39.02 7.21
N HIS C 253 -12.88 -38.80 7.72
CA HIS C 253 -12.53 -37.81 8.77
C HIS C 253 -12.65 -36.39 8.21
N ILE C 254 -12.36 -36.19 6.93
CA ILE C 254 -12.28 -34.86 6.27
C ILE C 254 -13.03 -34.93 4.94
N ILE C 255 -13.92 -33.97 4.69
CA ILE C 255 -14.51 -33.71 3.35
C ILE C 255 -13.97 -32.38 2.83
N TYR C 256 -13.05 -32.41 1.86
CA TYR C 256 -12.49 -31.21 1.20
C TYR C 256 -13.24 -31.01 -0.13
N MET C 257 -14.17 -30.07 -0.13
CA MET C 257 -14.97 -29.70 -1.33
C MET C 257 -14.16 -28.75 -2.21
N THR C 258 -14.21 -28.92 -3.53
CA THR C 258 -13.57 -27.99 -4.52
C THR C 258 -14.65 -27.24 -5.27
N ARG C 259 -14.24 -26.19 -5.98
CA ARG C 259 -15.05 -25.43 -6.96
C ARG C 259 -15.33 -26.33 -8.16
N ILE C 260 -16.53 -26.26 -8.73
CA ILE C 260 -16.90 -27.09 -9.91
C ILE C 260 -17.51 -26.15 -10.96
N GLN C 261 -16.68 -25.43 -11.71
CA GLN C 261 -17.11 -24.26 -12.55
C GLN C 261 -17.49 -24.72 -13.97
N LYS C 262 -18.78 -24.73 -14.37
CA LYS C 262 -19.28 -25.47 -15.57
C LYS C 262 -18.53 -25.00 -16.85
N GLU C 263 -17.99 -23.77 -16.87
CA GLU C 263 -17.45 -23.05 -18.08
C GLU C 263 -16.22 -23.75 -18.69
N ASN C 276 -24.68 -29.37 -9.48
CA ASN C 276 -25.89 -30.24 -9.47
C ASN C 276 -25.66 -31.46 -8.56
N ALA C 277 -24.74 -32.37 -8.94
CA ALA C 277 -24.64 -33.72 -8.34
C ALA C 277 -23.75 -33.67 -7.09
N PHE C 278 -22.80 -32.74 -7.01
CA PHE C 278 -21.77 -32.75 -5.93
C PHE C 278 -21.96 -31.54 -4.99
N ILE C 279 -23.21 -31.28 -4.63
CA ILE C 279 -23.60 -30.17 -3.71
C ILE C 279 -23.77 -30.77 -2.31
N LEU C 280 -23.07 -30.20 -1.34
CA LEU C 280 -23.13 -30.60 0.09
C LEU C 280 -24.31 -29.89 0.79
N SER C 281 -25.24 -30.67 1.38
CA SER C 281 -26.43 -30.22 2.16
C SER C 281 -26.39 -30.88 3.55
N ASN C 282 -27.26 -30.47 4.48
CA ASN C 282 -27.36 -31.15 5.80
C ASN C 282 -27.92 -32.56 5.56
N LYS C 283 -28.77 -32.71 4.54
CA LYS C 283 -29.25 -34.03 4.05
C LYS C 283 -28.02 -34.91 3.78
N THR C 284 -27.16 -34.54 2.81
CA THR C 284 -26.03 -35.38 2.31
C THR C 284 -24.98 -35.59 3.42
N LEU C 285 -25.07 -34.91 4.57
CA LEU C 285 -24.06 -34.98 5.66
C LEU C 285 -24.54 -35.85 6.82
N GLU C 286 -25.76 -36.39 6.77
CA GLU C 286 -26.37 -37.23 7.85
C GLU C 286 -25.73 -38.62 7.88
N ASN C 287 -25.04 -39.05 6.82
CA ASN C 287 -24.39 -40.39 6.76
C ASN C 287 -22.87 -40.25 6.92
N THR C 288 -22.38 -39.10 7.36
CA THR C 288 -20.93 -38.88 7.63
C THR C 288 -20.63 -39.25 9.08
N ARG C 289 -19.37 -39.43 9.42
CA ARG C 289 -18.94 -39.77 10.80
C ARG C 289 -19.37 -38.60 11.70
N ASP C 290 -19.39 -38.86 13.00
CA ASP C 290 -19.65 -37.84 14.05
C ASP C 290 -18.58 -36.75 13.97
N ASP C 291 -17.33 -37.16 13.76
CA ASP C 291 -16.15 -36.25 14.00
C ASP C 291 -15.77 -35.51 12.71
N THR C 292 -16.30 -35.92 11.55
CA THR C 292 -16.04 -35.31 10.22
C THR C 292 -15.96 -33.78 10.30
N LYS C 293 -14.96 -33.20 9.63
CA LYS C 293 -14.80 -31.73 9.40
C LYS C 293 -14.81 -31.47 7.89
N ILE C 294 -15.52 -30.43 7.46
CA ILE C 294 -15.68 -30.00 6.03
C ILE C 294 -14.76 -28.82 5.72
N LEU C 295 -13.86 -28.99 4.75
CA LEU C 295 -12.93 -27.94 4.28
C LEU C 295 -13.36 -27.49 2.87
N HIS C 296 -12.91 -26.30 2.48
CA HIS C 296 -13.08 -25.68 1.14
C HIS C 296 -12.12 -24.50 1.05
N PRO C 297 -11.28 -24.38 0.00
CA PRO C 297 -10.35 -23.25 -0.12
C PRO C 297 -11.08 -21.91 -0.33
N LEU C 298 -12.29 -21.97 -0.86
CA LEU C 298 -13.17 -20.80 -1.15
C LEU C 298 -12.59 -20.03 -2.35
N PRO C 299 -13.34 -19.14 -3.03
CA PRO C 299 -14.74 -18.88 -2.72
C PRO C 299 -15.54 -20.15 -3.03
N ARG C 300 -16.60 -20.41 -2.27
CA ARG C 300 -17.62 -21.40 -2.68
C ARG C 300 -18.58 -20.71 -3.66
N VAL C 301 -19.55 -21.43 -4.25
CA VAL C 301 -20.62 -20.86 -5.09
C VAL C 301 -21.88 -21.67 -4.78
N ASN C 302 -22.09 -22.82 -5.43
CA ASN C 302 -23.20 -23.75 -5.07
C ASN C 302 -22.63 -24.98 -4.36
N GLU C 303 -21.31 -25.14 -4.33
CA GLU C 303 -20.60 -26.36 -3.86
C GLU C 303 -21.10 -26.75 -2.47
N ILE C 304 -21.23 -25.77 -1.58
CA ILE C 304 -21.68 -25.98 -0.17
C ILE C 304 -22.86 -25.05 0.09
N LYS C 305 -24.04 -25.63 0.35
CA LYS C 305 -25.31 -24.89 0.63
C LYS C 305 -25.15 -24.16 1.98
N VAL C 306 -25.71 -22.95 2.06
CA VAL C 306 -25.46 -22.00 3.19
C VAL C 306 -25.88 -22.65 4.52
N GLU C 307 -26.99 -23.39 4.52
CA GLU C 307 -27.53 -24.07 5.73
C GLU C 307 -26.38 -24.78 6.47
N VAL C 308 -25.35 -25.26 5.76
CA VAL C 308 -24.25 -26.11 6.30
C VAL C 308 -23.38 -25.28 7.25
N ASP C 309 -23.31 -23.96 7.08
CA ASP C 309 -22.41 -23.10 7.90
C ASP C 309 -22.76 -23.27 9.39
N SER C 310 -24.04 -23.43 9.71
CA SER C 310 -24.56 -23.64 11.09
C SER C 310 -24.01 -24.97 11.65
N ASN C 311 -23.69 -25.90 10.76
CA ASN C 311 -23.32 -27.29 11.13
C ASN C 311 -21.94 -27.29 11.79
N PRO C 312 -21.78 -27.78 13.05
CA PRO C 312 -20.47 -27.78 13.71
C PRO C 312 -19.41 -28.47 12.86
N LYS C 313 -19.83 -29.34 11.94
CA LYS C 313 -18.96 -30.08 10.97
C LYS C 313 -18.24 -29.09 10.01
N SER C 314 -18.87 -27.97 9.63
CA SER C 314 -18.29 -26.96 8.70
C SER C 314 -17.16 -26.22 9.41
N VAL C 315 -15.96 -26.15 8.78
CA VAL C 315 -14.75 -25.44 9.27
C VAL C 315 -14.07 -24.63 8.14
N TYR C 316 -14.73 -24.40 7.01
CA TYR C 316 -14.10 -23.76 5.81
C TYR C 316 -13.65 -22.35 6.15
N PHE C 317 -14.38 -21.67 7.04
CA PHE C 317 -14.10 -20.27 7.49
C PHE C 317 -12.92 -20.28 8.46
N THR C 318 -12.78 -21.30 9.30
CA THR C 318 -11.66 -21.43 10.26
C THR C 318 -10.38 -21.70 9.46
N GLN C 319 -10.50 -22.53 8.43
CA GLN C 319 -9.46 -22.83 7.41
C GLN C 319 -8.91 -21.52 6.85
N ALA C 320 -9.77 -20.70 6.21
CA ALA C 320 -9.39 -19.38 5.66
C ALA C 320 -8.66 -18.55 6.74
N GLU C 321 -9.20 -18.54 7.97
CA GLU C 321 -8.63 -17.81 9.13
C GLU C 321 -7.23 -18.37 9.39
N ASN C 322 -7.03 -19.68 9.39
CA ASN C 322 -5.71 -20.27 9.78
C ASN C 322 -4.63 -19.82 8.79
N GLY C 323 -5.03 -19.47 7.56
CA GLY C 323 -4.14 -18.89 6.54
C GLY C 323 -3.28 -17.80 7.13
N LEU C 324 -3.86 -16.98 8.01
CA LEU C 324 -3.16 -15.83 8.64
C LEU C 324 -2.05 -16.38 9.55
N TYR C 325 -2.38 -17.37 10.39
CA TYR C 325 -1.46 -17.91 11.43
C TYR C 325 -0.37 -18.73 10.75
N VAL C 326 -0.69 -19.38 9.63
CA VAL C 326 0.31 -20.25 8.93
C VAL C 326 1.29 -19.35 8.16
N ARG C 327 0.81 -18.28 7.54
CA ARG C 327 1.69 -17.39 6.74
C ARG C 327 2.57 -16.59 7.68
N MET C 328 2.05 -16.16 8.83
CA MET C 328 2.87 -15.57 9.94
C MET C 328 3.97 -16.57 10.34
N ALA C 329 3.62 -17.81 10.66
CA ALA C 329 4.60 -18.85 11.01
C ALA C 329 5.70 -18.87 9.95
N LEU C 330 5.31 -18.99 8.68
CA LEU C 330 6.26 -19.28 7.57
C LEU C 330 7.20 -18.08 7.40
N LEU C 331 6.64 -16.89 7.38
CA LEU C 331 7.43 -15.64 7.28
C LEU C 331 8.38 -15.56 8.47
N TYR C 332 7.90 -15.82 9.68
CA TYR C 332 8.75 -15.78 10.90
C TYR C 332 9.89 -16.78 10.71
N LEU C 333 9.58 -18.05 10.44
CA LEU C 333 10.64 -19.11 10.40
C LEU C 333 11.71 -18.80 9.37
N ILE C 334 11.33 -18.18 8.25
CA ILE C 334 12.23 -17.93 7.06
C ILE C 334 13.06 -16.65 7.26
N PHE C 335 12.45 -15.56 7.75
CA PHE C 335 13.04 -14.20 7.67
C PHE C 335 13.65 -13.74 8.99
N SER C 336 13.29 -14.35 10.12
CA SER C 336 13.95 -14.04 11.42
C SER C 336 15.47 -14.08 11.23
N SER C 337 16.19 -13.16 11.85
CA SER C 337 17.66 -13.26 12.01
C SER C 337 17.96 -13.50 13.50
N THR C 338 16.92 -13.48 14.35
CA THR C 338 17.03 -13.62 15.83
C THR C 338 17.26 -15.10 16.19
N SER C 339 18.45 -15.38 16.71
CA SER C 339 18.88 -16.71 17.17
C SER C 339 18.04 -17.10 18.39
N SER C 340 18.56 -16.75 19.58
CA SER C 340 18.12 -17.19 20.93
C SER C 340 16.90 -18.13 20.87
N ALA C 341 16.98 -19.26 21.58
CA ALA C 341 15.85 -20.20 21.77
C ALA C 341 14.68 -19.39 22.35
N TRP C 342 14.98 -18.45 23.26
CA TRP C 342 14.01 -17.57 23.96
C TRP C 342 13.07 -16.84 22.97
N SER C 343 13.57 -16.15 21.91
CA SER C 343 12.84 -15.08 21.14
C SER C 343 11.70 -15.63 20.29
N HIS C 344 11.59 -16.96 20.15
CA HIS C 344 10.49 -17.65 19.44
C HIS C 344 9.20 -17.44 20.19
N PRO C 345 8.03 -17.52 19.52
CA PRO C 345 6.76 -17.45 20.22
C PRO C 345 6.48 -18.73 21.03
N GLN C 346 6.01 -18.57 22.27
CA GLN C 346 5.76 -19.67 23.22
C GLN C 346 4.70 -19.16 24.19
N PHE C 347 3.54 -19.80 24.24
CA PHE C 347 2.34 -19.34 24.99
C PHE C 347 1.79 -20.50 25.83
N1 IND D . -13.66 -11.82 -1.11
C2 IND D . -13.37 -11.16 -2.28
C3 IND D . -12.22 -10.43 -2.13
C4 IND D . -10.68 -10.18 -0.03
C5 IND D . -10.54 -10.59 1.27
C6 IND D . -11.46 -11.45 1.85
C7 IND D . -12.55 -11.93 1.15
C8 IND D . -12.69 -11.51 -0.17
C9 IND D . -11.77 -10.64 -0.78
HN1 IND D . -14.35 -12.34 -0.98
H2 IND D . -13.88 -11.21 -3.06
H3 IND D . -11.81 -9.89 -2.79
H4 IND D . -10.05 -9.60 -0.41
H5 IND D . -9.80 -10.29 1.78
H6 IND D . -11.34 -11.73 2.74
H7 IND D . -13.17 -12.52 1.54
S SO4 E . 5.56 0.63 12.44
O1 SO4 E . 4.13 0.55 12.60
O2 SO4 E . 6.08 -0.66 12.00
O3 SO4 E . 5.89 1.62 11.46
O4 SO4 E . 6.16 0.98 13.70
N1 IND F . -8.31 15.31 -4.49
C2 IND F . -8.12 14.29 -5.38
C3 IND F . -7.40 13.29 -4.81
C4 IND F . -6.44 13.13 -2.37
C5 IND F . -6.35 13.83 -1.19
C6 IND F . -6.95 15.08 -1.05
C7 IND F . -7.64 15.68 -2.09
C8 IND F . -7.71 14.97 -3.30
C9 IND F . -7.12 13.70 -3.46
HN1 IND F . -8.74 16.05 -4.66
H2 IND F . -8.43 14.30 -6.27
H3 IND F . -7.13 12.48 -5.21
H4 IND F . -6.02 12.28 -2.45
H5 IND F . -5.90 13.44 -0.46
H6 IND F . -6.88 15.53 -0.23
H7 IND F . -8.03 16.53 -2.00
S SO4 G . 3.71 0.32 8.05
O1 SO4 G . 2.32 0.58 8.34
O2 SO4 G . 3.83 -1.01 7.51
O3 SO4 G . 4.20 1.29 7.11
O4 SO4 G . 4.44 0.43 9.28
#